data_6S7L
#
_entry.id   6S7L
#
_cell.length_a   69.703
_cell.length_b   209.765
_cell.length_c   140.254
_cell.angle_alpha   90.000
_cell.angle_beta   90.000
_cell.angle_gamma   90.000
#
_symmetry.space_group_name_H-M   'C 2 2 21'
#
loop_
_entity.id
_entity.type
_entity.pdbx_description
1 polymer 'Arbitrium receptor'
2 polymer GLY-ILE-VAL-ARG-GLY-ALA
3 non-polymer GLYCEROL
4 water water
#
loop_
_entity_poly.entity_id
_entity_poly.type
_entity_poly.pdbx_seq_one_letter_code
_entity_poly.pdbx_strand_id
1 'polypeptide(L)'
;AMELIRIAMKKDLENDNSLMNKWATVAGLKNPNPLYDFLNHDGKTFNEFSSIVNIVKSQYPDREYELMKDYCLNLDVKTK
AARSALEYADANMFFEIEDALIDSMISCSNMKSKEYGKVYKIHRELSKGEIDVFEASANIGKQRIKTAEMNIFSKMLLMY
DCLNKGNFAPMMLLFQQIDLSEIKENRYLKNSFETRINVLLSNIYLNENNLELCREYAQKAISSTDTQRFLVFSYLTIGT
SYIFSDFNLSKQNYLIGLKFAKGNPGFEEFFKRNLSFLNNFWNKENEWINYDSDAVTDMQEVIFELINHKELSKALQLLN
KLEERDQNENELGFHYYLKGLITNEKEAFFKSVEYFKASQDKLSIKMPLIQLEKMGENPRLLKIITM
;
A,B
2 'polypeptide(L)' GIVRGA C,D
#
# COMPACT_ATOMS: atom_id res chain seq x y z
N MET A 2 14.62 -42.88 -18.14
CA MET A 2 15.72 -42.20 -18.79
C MET A 2 16.17 -40.93 -18.12
N GLU A 3 15.35 -40.32 -17.29
CA GLU A 3 15.79 -39.15 -16.57
C GLU A 3 16.34 -39.72 -15.29
N LEU A 4 17.52 -39.25 -14.91
CA LEU A 4 18.25 -39.70 -13.76
C LEU A 4 17.47 -40.08 -12.52
N ILE A 5 16.43 -39.34 -12.22
CA ILE A 5 15.66 -39.62 -11.04
C ILE A 5 14.82 -40.86 -11.23
N ARG A 6 14.36 -41.10 -12.45
CA ARG A 6 13.57 -42.28 -12.73
C ARG A 6 14.43 -43.50 -12.61
N ILE A 7 15.66 -43.39 -13.09
CA ILE A 7 16.60 -44.46 -13.02
C ILE A 7 17.01 -44.77 -11.60
N ALA A 8 17.11 -43.74 -10.79
CA ALA A 8 17.50 -43.89 -9.41
C ALA A 8 16.41 -44.57 -8.63
N MET A 9 15.20 -44.11 -8.81
CA MET A 9 14.05 -44.71 -8.14
C MET A 9 13.74 -46.14 -8.60
N LYS A 10 13.88 -46.44 -9.90
CA LYS A 10 13.69 -47.82 -10.41
C LYS A 10 14.69 -48.73 -9.73
N LYS A 11 15.94 -48.28 -9.63
CA LYS A 11 17.02 -49.01 -8.96
C LYS A 11 16.69 -49.31 -7.48
N ASP A 12 16.28 -48.29 -6.72
CA ASP A 12 15.97 -48.44 -5.30
C ASP A 12 14.69 -49.25 -5.03
N LEU A 13 13.79 -49.29 -6.02
CA LEU A 13 12.53 -49.99 -5.90
C LEU A 13 12.64 -51.52 -6.05
N GLU A 14 13.56 -51.98 -6.89
CA GLU A 14 13.79 -53.41 -7.03
C GLU A 14 14.49 -54.04 -5.81
N ASN A 15 15.20 -53.19 -5.06
CA ASN A 15 15.86 -53.61 -3.81
C ASN A 15 14.96 -53.62 -2.56
N ASP A 16 13.84 -52.88 -2.61
CA ASP A 16 12.96 -52.58 -1.45
C ASP A 16 11.51 -52.30 -1.91
N ASN A 17 10.60 -53.25 -1.65
CA ASN A 17 9.21 -53.16 -2.13
C ASN A 17 8.31 -52.17 -1.38
N SER A 18 8.67 -51.90 -0.12
CA SER A 18 7.95 -50.95 0.76
C SER A 18 8.04 -49.44 0.38
N LEU A 19 8.94 -49.11 -0.55
CA LEU A 19 9.15 -47.73 -1.02
C LEU A 19 7.96 -47.07 -1.75
N MET A 20 7.09 -47.88 -2.39
CA MET A 20 5.89 -47.36 -3.06
C MET A 20 4.97 -46.56 -2.12
N ASN A 21 4.59 -47.19 -1.01
CA ASN A 21 3.73 -46.58 0.02
C ASN A 21 4.41 -45.39 0.69
N LYS A 22 5.72 -45.51 0.95
CA LYS A 22 6.52 -44.46 1.61
C LYS A 22 6.60 -43.21 0.71
N TRP A 23 6.81 -43.43 -0.59
CA TRP A 23 6.84 -42.34 -1.56
C TRP A 23 5.47 -41.75 -1.87
N ALA A 24 4.42 -42.58 -1.86
CA ALA A 24 3.06 -42.10 -2.05
C ALA A 24 2.65 -41.10 -0.95
N THR A 25 2.94 -41.39 0.33
CA THR A 25 2.56 -40.44 1.39
C THR A 25 3.47 -39.21 1.39
N VAL A 26 4.77 -39.41 1.18
CA VAL A 26 5.67 -38.25 1.05
C VAL A 26 5.31 -37.29 -0.10
N ALA A 27 4.73 -37.80 -1.19
CA ALA A 27 4.38 -37.02 -2.39
C ALA A 27 3.00 -36.41 -2.35
N GLY A 28 2.29 -36.61 -1.23
CA GLY A 28 0.92 -36.13 -1.04
C GLY A 28 -0.10 -36.77 -1.98
N LEU A 29 0.18 -37.99 -2.44
CA LEU A 29 -0.73 -38.73 -3.34
C LEU A 29 -1.74 -39.57 -2.55
N LYS A 30 -2.93 -39.75 -3.16
CA LYS A 30 -4.01 -40.59 -2.62
C LYS A 30 -3.66 -42.09 -2.64
N ASN A 31 -3.02 -42.54 -3.71
CA ASN A 31 -2.69 -43.95 -3.96
C ASN A 31 -1.44 -44.07 -4.87
N PRO A 32 -0.73 -45.24 -4.84
CA PRO A 32 0.53 -45.35 -5.61
C PRO A 32 0.48 -45.30 -7.18
N ASN A 33 -0.68 -45.03 -7.78
CA ASN A 33 -0.81 -45.08 -9.28
C ASN A 33 -0.03 -44.05 -10.13
N PRO A 34 -0.15 -42.72 -9.86
CA PRO A 34 0.59 -41.76 -10.70
C PRO A 34 2.12 -41.91 -10.58
N LEU A 35 2.56 -42.49 -9.47
CA LEU A 35 3.93 -42.98 -9.26
C LEU A 35 4.37 -44.05 -10.27
N TYR A 36 3.52 -45.07 -10.46
CA TYR A 36 3.78 -46.10 -11.47
C TYR A 36 3.92 -45.48 -12.88
N ASP A 37 3.02 -44.54 -13.18
CA ASP A 37 2.99 -43.84 -14.44
C ASP A 37 4.24 -43.03 -14.67
N PHE A 38 4.61 -42.25 -13.67
CA PHE A 38 5.82 -41.46 -13.67
C PHE A 38 7.08 -42.29 -13.91
N LEU A 39 7.14 -43.48 -13.31
CA LEU A 39 8.28 -44.36 -13.49
C LEU A 39 8.34 -45.09 -14.83
N ASN A 40 7.20 -45.23 -15.51
CA ASN A 40 7.15 -46.06 -16.72
C ASN A 40 6.95 -45.33 -18.04
N HIS A 41 6.00 -44.39 -18.09
CA HIS A 41 5.66 -43.69 -19.33
C HIS A 41 6.40 -42.36 -19.37
N ASP A 42 7.31 -42.21 -20.32
CA ASP A 42 8.02 -40.96 -20.40
C ASP A 42 7.00 -39.88 -20.58
N GLY A 43 7.30 -38.71 -20.06
CA GLY A 43 6.41 -37.59 -20.21
C GLY A 43 5.39 -37.38 -19.13
N LYS A 44 5.20 -38.37 -18.28
CA LYS A 44 4.24 -38.23 -17.22
C LYS A 44 4.73 -37.31 -16.13
N THR A 45 3.91 -36.34 -15.77
CA THR A 45 4.27 -35.42 -14.72
C THR A 45 3.17 -35.35 -13.71
N PHE A 46 3.53 -35.25 -12.45
CA PHE A 46 2.56 -35.17 -11.39
C PHE A 46 1.74 -33.91 -11.46
N ASN A 47 0.52 -33.98 -10.94
CA ASN A 47 -0.38 -32.80 -10.92
C ASN A 47 0.24 -31.65 -10.13
N GLU A 48 0.94 -32.00 -9.05
CA GLU A 48 1.62 -31.02 -8.25
C GLU A 48 3.13 -31.31 -8.19
N PHE A 49 3.92 -30.30 -8.54
CA PHE A 49 5.39 -30.37 -8.60
C PHE A 49 6.05 -30.67 -7.26
N SER A 50 5.38 -30.33 -6.15
CA SER A 50 5.83 -30.71 -4.82
C SER A 50 6.01 -32.23 -4.67
N SER A 51 5.27 -33.01 -5.45
CA SER A 51 5.48 -34.46 -5.49
C SER A 51 6.92 -34.87 -5.79
N ILE A 52 7.47 -34.36 -6.89
CA ILE A 52 8.84 -34.70 -7.20
C ILE A 52 9.89 -34.06 -6.21
N VAL A 53 9.63 -32.86 -5.70
CA VAL A 53 10.58 -32.21 -4.82
C VAL A 53 10.64 -32.98 -3.49
N ASN A 54 9.48 -33.34 -2.94
CA ASN A 54 9.41 -34.08 -1.68
C ASN A 54 9.99 -35.50 -1.74
N ILE A 55 9.87 -36.16 -2.89
CA ILE A 55 10.54 -37.44 -3.09
C ILE A 55 12.06 -37.20 -3.13
N VAL A 56 12.51 -36.23 -3.93
CA VAL A 56 13.95 -35.97 -4.05
C VAL A 56 14.57 -35.58 -2.71
N LYS A 57 13.92 -34.68 -1.97
CA LYS A 57 14.43 -34.21 -0.67
C LYS A 57 14.56 -35.29 0.38
N SER A 58 13.60 -36.22 0.43
CA SER A 58 13.66 -37.22 1.49
C SER A 58 14.37 -38.53 1.11
N GLN A 59 14.54 -38.79 -0.18
CA GLN A 59 15.15 -40.02 -0.64
C GLN A 59 16.57 -39.83 -1.15
N TYR A 60 16.87 -38.66 -1.70
CA TYR A 60 18.20 -38.40 -2.21
C TYR A 60 18.65 -37.04 -1.75
N PRO A 61 18.61 -36.80 -0.46
CA PRO A 61 18.92 -35.52 0.13
C PRO A 61 20.15 -34.92 -0.45
N ASP A 62 21.16 -35.73 -0.67
CA ASP A 62 22.43 -35.24 -1.16
C ASP A 62 22.62 -35.20 -2.64
N ARG A 63 21.59 -35.48 -3.41
CA ARG A 63 21.75 -35.44 -4.83
C ARG A 63 20.72 -34.57 -5.46
N GLU A 64 20.10 -33.71 -4.67
CA GLU A 64 19.06 -32.87 -5.17
C GLU A 64 19.41 -32.04 -6.36
N TYR A 65 20.50 -31.29 -6.29
CA TYR A 65 20.83 -30.45 -7.42
C TYR A 65 21.11 -31.26 -8.66
N GLU A 66 21.99 -32.23 -8.58
CA GLU A 66 22.24 -33.04 -9.81
C GLU A 66 20.97 -33.70 -10.41
N LEU A 67 20.13 -34.29 -9.55
CA LEU A 67 18.89 -34.92 -9.97
C LEU A 67 17.88 -33.92 -10.48
N MET A 68 17.63 -32.85 -9.72
CA MET A 68 16.70 -31.81 -10.17
C MET A 68 17.09 -31.11 -11.46
N LYS A 69 18.38 -30.81 -11.64
CA LYS A 69 18.90 -30.24 -12.89
C LYS A 69 18.63 -31.15 -14.08
N ASP A 70 18.74 -32.46 -13.85
CA ASP A 70 18.46 -33.38 -14.91
C ASP A 70 16.96 -33.48 -15.20
N TYR A 71 16.13 -33.41 -14.17
CA TYR A 71 14.71 -33.49 -14.37
C TYR A 71 14.22 -32.29 -15.18
N CYS A 72 14.63 -31.10 -14.76
CA CYS A 72 14.18 -29.83 -15.33
C CYS A 72 14.54 -29.58 -16.80
N LEU A 73 15.78 -29.92 -17.17
CA LEU A 73 16.26 -29.84 -18.56
C LEU A 73 15.55 -30.82 -19.51
N ASN A 74 14.83 -31.80 -18.95
CA ASN A 74 14.11 -32.80 -19.73
C ASN A 74 12.60 -32.59 -19.83
N LEU A 75 12.14 -31.54 -19.21
CA LEU A 75 10.71 -31.25 -19.09
C LEU A 75 10.20 -30.59 -20.36
N ASP A 76 8.95 -30.89 -20.71
CA ASP A 76 8.24 -30.19 -21.78
C ASP A 76 7.96 -28.73 -21.36
N VAL A 77 8.56 -27.76 -22.05
CA VAL A 77 8.42 -26.37 -21.58
C VAL A 77 6.99 -25.82 -21.64
N LYS A 78 6.12 -26.46 -22.40
CA LYS A 78 4.73 -25.99 -22.53
C LYS A 78 3.81 -26.35 -21.33
N THR A 79 4.33 -27.04 -20.33
CA THR A 79 3.48 -27.62 -19.27
C THR A 79 3.54 -26.87 -17.94
N LYS A 80 2.53 -27.11 -17.08
CA LYS A 80 2.51 -26.61 -15.71
C LYS A 80 3.77 -27.05 -14.92
N ALA A 81 4.23 -28.29 -15.13
CA ALA A 81 5.45 -28.77 -14.50
C ALA A 81 6.64 -27.83 -14.76
N ALA A 82 6.90 -27.47 -16.02
CA ALA A 82 8.03 -26.60 -16.36
C ALA A 82 7.87 -25.21 -15.71
N ARG A 83 6.64 -24.70 -15.72
CA ARG A 83 6.35 -23.46 -15.05
C ARG A 83 6.68 -23.55 -13.54
N SER A 84 6.33 -24.65 -12.90
CA SER A 84 6.70 -24.84 -11.52
C SER A 84 8.21 -25.00 -11.33
N ALA A 85 8.88 -25.69 -12.26
CA ALA A 85 10.33 -25.91 -12.14
C ALA A 85 11.08 -24.58 -12.19
N LEU A 86 10.55 -23.64 -12.97
CA LEU A 86 11.15 -22.34 -13.10
C LEU A 86 11.10 -21.61 -11.74
N GLU A 87 9.94 -21.64 -11.09
CA GLU A 87 9.81 -21.12 -9.75
C GLU A 87 10.74 -21.80 -8.78
N TYR A 88 10.80 -23.11 -8.83
CA TYR A 88 11.68 -23.89 -7.98
C TYR A 88 13.12 -23.43 -8.19
N ALA A 89 13.56 -23.33 -9.44
CA ALA A 89 14.93 -22.95 -9.72
C ALA A 89 15.23 -21.52 -9.24
N ASP A 90 14.31 -20.59 -9.46
CA ASP A 90 14.53 -19.22 -9.03
C ASP A 90 14.55 -19.08 -7.52
N ALA A 91 13.56 -19.64 -6.84
CA ALA A 91 13.55 -19.68 -5.38
C ALA A 91 14.85 -20.24 -4.74
N ASN A 92 15.49 -21.23 -5.34
CA ASN A 92 16.73 -21.80 -4.77
C ASN A 92 17.98 -21.13 -5.24
N MET A 93 17.83 -20.20 -6.19
CA MET A 93 18.95 -19.55 -6.84
C MET A 93 19.84 -20.49 -7.68
N PHE A 94 19.27 -21.58 -8.18
CA PHE A 94 19.95 -22.47 -9.13
C PHE A 94 19.95 -21.81 -10.54
N PHE A 95 20.86 -20.85 -10.74
CA PHE A 95 20.87 -20.04 -11.97
C PHE A 95 21.12 -20.75 -13.29
N GLU A 96 21.92 -21.83 -13.31
CA GLU A 96 22.09 -22.61 -14.54
C GLU A 96 20.79 -23.28 -15.01
N ILE A 97 20.05 -23.89 -14.07
CA ILE A 97 18.76 -24.49 -14.34
C ILE A 97 17.79 -23.42 -14.83
N GLU A 98 17.75 -22.30 -14.11
CA GLU A 98 16.81 -21.24 -14.40
C GLU A 98 17.05 -20.57 -15.76
N ASP A 99 18.29 -20.29 -16.11
CA ASP A 99 18.53 -19.56 -17.35
C ASP A 99 18.21 -20.40 -18.61
N ALA A 100 18.35 -21.73 -18.50
CA ALA A 100 18.09 -22.64 -19.61
C ALA A 100 16.58 -22.90 -19.80
N LEU A 101 15.83 -22.96 -18.71
CA LEU A 101 14.38 -22.96 -18.77
C LEU A 101 13.82 -21.66 -19.37
N ILE A 102 14.36 -20.52 -18.94
CA ILE A 102 13.97 -19.20 -19.47
C ILE A 102 14.22 -19.15 -20.98
N ASP A 103 15.40 -19.56 -21.43
CA ASP A 103 15.73 -19.57 -22.86
C ASP A 103 14.66 -20.34 -23.66
N SER A 104 14.36 -21.57 -23.26
CA SER A 104 13.38 -22.40 -23.97
C SER A 104 11.92 -22.02 -23.75
N MET A 105 11.61 -21.29 -22.68
CA MET A 105 10.25 -20.83 -22.44
C MET A 105 9.89 -19.56 -23.20
N ILE A 106 10.89 -18.72 -23.44
CA ILE A 106 10.74 -17.52 -24.26
C ILE A 106 10.33 -17.87 -25.72
N SER A 107 10.98 -18.90 -26.29
CA SER A 107 10.78 -19.38 -27.69
C SER A 107 9.50 -20.17 -28.00
N CYS A 108 9.00 -20.94 -27.03
CA CYS A 108 7.86 -21.84 -27.24
C CYS A 108 6.52 -21.15 -27.54
N SER A 109 5.50 -21.96 -27.81
CA SER A 109 4.23 -21.50 -28.38
C SER A 109 3.01 -21.52 -27.43
N ASN A 110 3.22 -21.96 -26.19
CA ASN A 110 2.22 -21.81 -25.12
C ASN A 110 2.32 -20.41 -24.47
N MET A 111 1.19 -19.70 -24.43
CA MET A 111 1.14 -18.30 -23.99
C MET A 111 1.51 -18.05 -22.54
N LYS A 112 1.06 -18.96 -21.68
CA LYS A 112 1.38 -18.93 -20.24
C LYS A 112 2.86 -19.15 -19.95
N SER A 113 3.48 -20.11 -20.65
CA SER A 113 4.91 -20.37 -20.46
C SER A 113 5.77 -19.24 -21.02
N LYS A 114 5.34 -18.65 -22.14
CA LYS A 114 5.99 -17.48 -22.69
C LYS A 114 5.99 -16.33 -21.64
N GLU A 115 4.83 -16.03 -21.05
CA GLU A 115 4.71 -15.04 -20.00
C GLU A 115 5.66 -15.30 -18.78
N TYR A 116 5.67 -16.54 -18.28
CA TYR A 116 6.56 -16.85 -17.16
C TYR A 116 8.00 -16.63 -17.58
N GLY A 117 8.39 -17.09 -18.77
CA GLY A 117 9.75 -16.89 -19.27
C GLY A 117 10.13 -15.41 -19.24
N LYS A 118 9.29 -14.60 -19.86
CA LYS A 118 9.55 -13.17 -20.03
C LYS A 118 9.69 -12.45 -18.66
N VAL A 119 8.83 -12.74 -17.69
CA VAL A 119 8.87 -12.07 -16.40
C VAL A 119 10.08 -12.48 -15.56
N TYR A 120 10.45 -13.76 -15.56
CA TYR A 120 11.61 -14.23 -14.79
C TYR A 120 12.90 -13.71 -15.38
N LYS A 121 12.96 -13.59 -16.73
CA LYS A 121 14.08 -12.97 -17.41
C LYS A 121 14.25 -11.53 -16.93
N ILE A 122 13.15 -10.76 -16.85
CA ILE A 122 13.19 -9.40 -16.34
C ILE A 122 13.79 -9.38 -14.92
N HIS A 123 13.36 -10.33 -14.06
CA HIS A 123 13.88 -10.45 -12.72
C HIS A 123 15.37 -10.74 -12.74
N ARG A 124 15.80 -11.62 -13.66
CA ARG A 124 17.21 -12.01 -13.74
C ARG A 124 18.08 -10.89 -14.28
N GLU A 125 17.60 -10.23 -15.33
CA GLU A 125 18.34 -9.13 -15.90
C GLU A 125 18.46 -7.99 -14.87
N LEU A 126 17.41 -7.79 -14.07
CA LEU A 126 17.46 -6.81 -12.98
C LEU A 126 18.44 -7.14 -11.85
N SER A 127 18.50 -8.39 -11.38
CA SER A 127 19.48 -8.78 -10.34
C SER A 127 20.92 -8.64 -10.78
N LYS A 128 21.16 -8.67 -12.09
CA LYS A 128 22.51 -8.68 -12.65
C LYS A 128 23.00 -7.32 -13.13
N GLY A 129 22.16 -6.30 -13.02
CA GLY A 129 22.48 -4.97 -13.49
C GLY A 129 22.54 -4.79 -14.99
N GLU A 130 22.03 -5.76 -15.75
CA GLU A 130 21.88 -5.64 -17.21
C GLU A 130 20.77 -4.63 -17.58
N ILE A 131 19.82 -4.40 -16.67
CA ILE A 131 18.84 -3.31 -16.78
C ILE A 131 18.63 -2.66 -15.42
N ASP A 132 17.99 -1.49 -15.38
CA ASP A 132 17.61 -0.83 -14.12
C ASP A 132 16.08 -0.75 -13.94
N VAL A 133 15.63 -0.44 -12.71
CA VAL A 133 14.20 -0.33 -12.36
C VAL A 133 13.30 0.29 -13.44
N PHE A 134 13.81 1.30 -14.13
CA PHE A 134 12.99 2.01 -15.12
C PHE A 134 12.73 1.19 -16.37
N GLU A 135 13.70 0.38 -16.78
CA GLU A 135 13.50 -0.52 -17.91
C GLU A 135 12.64 -1.74 -17.53
N ALA A 136 12.87 -2.21 -16.31
CA ALA A 136 12.07 -3.28 -15.70
C ALA A 136 10.58 -2.94 -15.74
N SER A 137 10.22 -1.80 -15.16
CA SER A 137 8.85 -1.32 -15.19
C SER A 137 8.32 -1.18 -16.58
N ALA A 138 9.14 -0.62 -17.48
CA ALA A 138 8.75 -0.47 -18.87
C ALA A 138 8.48 -1.84 -19.51
N ASN A 139 9.37 -2.80 -19.28
CA ASN A 139 9.23 -4.15 -19.84
C ASN A 139 8.01 -4.88 -19.27
N ILE A 140 7.69 -4.67 -18.00
CA ILE A 140 6.54 -5.32 -17.35
C ILE A 140 5.24 -4.90 -18.03
N GLY A 141 5.05 -3.58 -18.21
CA GLY A 141 3.90 -3.02 -18.94
C GLY A 141 3.83 -3.44 -20.40
N LYS A 142 4.98 -3.41 -21.08
CA LYS A 142 5.13 -3.85 -22.48
C LYS A 142 4.64 -5.28 -22.67
N GLN A 143 4.71 -6.08 -21.61
CA GLN A 143 4.30 -7.48 -21.63
C GLN A 143 2.80 -7.70 -21.64
N ARG A 144 2.05 -6.73 -21.12
CA ARG A 144 0.64 -6.89 -20.78
C ARG A 144 0.32 -8.29 -20.23
N ILE A 145 0.71 -8.45 -18.97
CA ILE A 145 0.60 -9.67 -18.20
C ILE A 145 -0.87 -10.05 -18.03
N LYS A 146 -1.17 -11.33 -18.19
CA LYS A 146 -2.55 -11.84 -18.07
C LYS A 146 -2.80 -12.76 -16.88
N THR A 147 -1.77 -13.43 -16.36
CA THR A 147 -1.95 -14.34 -15.18
C THR A 147 -1.78 -13.64 -13.83
N ALA A 148 -2.51 -14.12 -12.84
CA ALA A 148 -2.47 -13.51 -11.53
C ALA A 148 -1.06 -13.62 -10.92
N GLU A 149 -0.45 -14.79 -11.11
CA GLU A 149 0.87 -15.15 -10.61
C GLU A 149 1.94 -14.21 -11.12
N MET A 150 2.00 -14.03 -12.44
CA MET A 150 3.00 -13.14 -13.01
C MET A 150 2.76 -11.68 -12.68
N ASN A 151 1.50 -11.31 -12.46
CA ASN A 151 1.17 -10.02 -11.92
C ASN A 151 1.82 -9.88 -10.51
N ILE A 152 1.55 -10.84 -9.62
CA ILE A 152 2.18 -10.86 -8.30
C ILE A 152 3.70 -10.91 -8.41
N PHE A 153 4.25 -11.80 -9.22
CA PHE A 153 5.69 -11.90 -9.31
C PHE A 153 6.33 -10.67 -9.88
N SER A 154 5.55 -9.82 -10.49
CA SER A 154 6.11 -8.61 -11.05
C SER A 154 6.21 -7.56 -9.97
N LYS A 155 5.45 -7.71 -8.92
CA LYS A 155 5.49 -6.80 -7.84
C LYS A 155 6.67 -7.19 -6.96
N MET A 156 6.83 -8.48 -6.71
CA MET A 156 7.92 -8.96 -5.89
C MET A 156 9.26 -8.64 -6.50
N LEU A 157 9.35 -8.78 -7.79
CA LEU A 157 10.54 -8.49 -8.57
C LEU A 157 11.13 -7.14 -8.24
N LEU A 158 10.30 -6.11 -8.22
CA LEU A 158 10.72 -4.78 -7.90
C LEU A 158 11.01 -4.60 -6.42
N MET A 159 10.40 -5.41 -5.58
CA MET A 159 10.67 -5.33 -4.17
C MET A 159 12.06 -5.83 -3.87
N TYR A 160 12.51 -6.83 -4.59
CA TYR A 160 13.83 -7.39 -4.39
C TYR A 160 14.85 -6.37 -4.77
N ASP A 161 14.61 -5.67 -5.86
CA ASP A 161 15.49 -4.58 -6.26
C ASP A 161 15.56 -3.42 -5.24
N CYS A 162 14.40 -2.95 -4.77
CA CYS A 162 14.35 -1.97 -3.68
C CYS A 162 15.22 -2.41 -2.51
N LEU A 163 15.12 -3.69 -2.16
CA LEU A 163 15.85 -4.23 -1.03
C LEU A 163 17.36 -4.17 -1.24
N ASN A 164 17.89 -4.55 -2.40
CA ASN A 164 19.35 -4.44 -2.46
C ASN A 164 19.92 -3.09 -2.84
N LYS A 165 19.10 -2.19 -3.38
CA LYS A 165 19.48 -0.78 -3.59
C LYS A 165 19.28 0.18 -2.39
N GLY A 166 18.90 -0.36 -1.21
CA GLY A 166 18.66 0.42 0.01
C GLY A 166 17.66 1.56 -0.23
N ASN A 167 16.52 1.23 -0.83
CA ASN A 167 15.45 2.16 -1.05
C ASN A 167 14.16 1.49 -0.57
N PHE A 168 13.85 1.65 0.70
CA PHE A 168 12.83 0.85 1.33
C PHE A 168 11.39 1.43 1.27
N ALA A 169 11.25 2.74 0.99
CA ALA A 169 9.91 3.37 0.92
C ALA A 169 8.90 2.63 -0.01
N PRO A 170 9.25 2.34 -1.29
CA PRO A 170 8.27 1.69 -2.19
C PRO A 170 7.72 0.31 -1.78
N MET A 171 8.38 -0.34 -0.81
CA MET A 171 8.13 -1.76 -0.58
C MET A 171 6.83 -2.10 0.11
N MET A 172 6.41 -1.36 1.12
CA MET A 172 5.11 -1.61 1.76
C MET A 172 3.99 -1.34 0.76
N LEU A 173 4.20 -0.32 -0.07
CA LEU A 173 3.30 0.03 -1.13
C LEU A 173 3.17 -1.09 -2.13
N LEU A 174 4.28 -1.62 -2.58
CA LEU A 174 4.23 -2.82 -3.43
C LEU A 174 3.60 -4.04 -2.78
N PHE A 175 3.83 -4.25 -1.49
CA PHE A 175 3.31 -5.42 -0.78
C PHE A 175 1.78 -5.44 -0.80
N GLN A 176 1.21 -4.27 -0.58
CA GLN A 176 -0.19 -4.08 -0.47
C GLN A 176 -0.96 -4.38 -1.78
N GLN A 177 -0.25 -4.32 -2.90
CA GLN A 177 -0.81 -4.66 -4.19
C GLN A 177 -0.91 -6.16 -4.49
N ILE A 178 -0.37 -7.01 -3.62
CA ILE A 178 -0.32 -8.45 -3.79
C ILE A 178 -1.45 -9.11 -3.02
N ASP A 179 -2.25 -9.95 -3.70
CA ASP A 179 -3.26 -10.83 -3.08
C ASP A 179 -3.10 -12.31 -3.54
N LEU A 180 -2.59 -13.17 -2.66
CA LEU A 180 -2.20 -14.55 -3.04
C LEU A 180 -3.35 -15.51 -3.36
N SER A 181 -4.54 -15.23 -2.86
CA SER A 181 -5.68 -16.14 -3.06
C SER A 181 -6.22 -16.05 -4.50
N GLU A 182 -5.75 -15.05 -5.25
CA GLU A 182 -6.04 -14.92 -6.65
C GLU A 182 -5.33 -15.97 -7.54
N ILE A 183 -4.21 -16.52 -7.06
CA ILE A 183 -3.52 -17.57 -7.81
C ILE A 183 -4.26 -18.87 -7.59
N LYS A 184 -4.83 -19.42 -8.66
CA LYS A 184 -5.75 -20.57 -8.52
C LYS A 184 -5.27 -21.95 -8.96
N GLU A 185 -4.74 -22.06 -10.18
CA GLU A 185 -4.40 -23.41 -10.71
C GLU A 185 -3.24 -24.07 -9.96
N ASN A 186 -2.13 -23.35 -9.79
CA ASN A 186 -0.88 -23.91 -9.29
C ASN A 186 -0.66 -23.81 -7.77
N ARG A 187 -0.85 -24.93 -7.08
CA ARG A 187 -0.77 -24.99 -5.63
C ARG A 187 0.67 -24.78 -5.16
N TYR A 188 1.62 -25.33 -5.92
CA TYR A 188 3.04 -25.26 -5.58
C TYR A 188 3.55 -23.83 -5.63
N LEU A 189 3.22 -23.16 -6.72
CA LEU A 189 3.59 -21.79 -6.94
C LEU A 189 3.02 -20.88 -5.85
N LYS A 190 1.76 -21.11 -5.47
CA LYS A 190 1.14 -20.41 -4.34
C LYS A 190 1.92 -20.58 -3.03
N ASN A 191 2.36 -21.80 -2.73
CA ASN A 191 3.17 -22.07 -1.54
C ASN A 191 4.51 -21.37 -1.55
N SER A 192 5.19 -21.45 -2.68
CA SER A 192 6.48 -20.87 -2.86
C SER A 192 6.38 -19.34 -2.67
N PHE A 193 5.38 -18.72 -3.29
CA PHE A 193 5.13 -17.31 -3.14
C PHE A 193 4.76 -16.93 -1.73
N GLU A 194 3.98 -17.75 -1.07
CA GLU A 194 3.60 -17.44 0.27
C GLU A 194 4.84 -17.33 1.10
N THR A 195 5.83 -18.16 0.83
CA THR A 195 7.06 -18.12 1.59
C THR A 195 7.94 -16.98 1.18
N ARG A 196 7.88 -16.59 -0.06
CA ARG A 196 8.69 -15.49 -0.51
C ARG A 196 8.19 -14.25 0.14
N ILE A 197 6.89 -14.08 0.17
CA ILE A 197 6.29 -12.93 0.77
C ILE A 197 6.65 -12.80 2.22
N ASN A 198 6.62 -13.90 2.95
CA ASN A 198 6.95 -13.86 4.34
C ASN A 198 8.31 -13.29 4.63
N VAL A 199 9.35 -13.62 3.88
CA VAL A 199 10.63 -13.03 4.18
C VAL A 199 10.60 -11.61 3.69
N LEU A 200 9.98 -11.39 2.55
CA LEU A 200 9.80 -9.99 2.16
C LEU A 200 9.12 -9.16 3.28
N LEU A 201 8.03 -9.67 3.81
CA LEU A 201 7.30 -8.95 4.83
C LEU A 201 8.19 -8.69 6.05
N SER A 202 8.92 -9.72 6.42
CA SER A 202 9.87 -9.65 7.48
C SER A 202 10.85 -8.51 7.30
N ASN A 203 11.46 -8.40 6.12
CA ASN A 203 12.29 -7.24 5.83
C ASN A 203 11.59 -5.90 5.93
N ILE A 204 10.35 -5.81 5.43
CA ILE A 204 9.60 -4.59 5.47
C ILE A 204 9.43 -4.14 6.90
N TYR A 205 9.05 -5.07 7.79
CA TYR A 205 8.86 -4.71 9.17
C TYR A 205 10.17 -4.37 9.88
N LEU A 206 11.23 -5.11 9.59
CA LEU A 206 12.56 -4.80 10.09
C LEU A 206 12.94 -3.36 9.78
N ASN A 207 12.72 -2.89 8.56
CA ASN A 207 12.99 -1.51 8.23
C ASN A 207 12.01 -0.50 8.79
N GLU A 208 10.78 -0.92 9.11
CA GLU A 208 9.79 -0.03 9.74
C GLU A 208 10.02 -0.01 11.27
N ASN A 209 11.03 -0.74 11.74
CA ASN A 209 11.33 -0.89 13.17
C ASN A 209 10.22 -1.56 14.02
N ASN A 210 9.41 -2.38 13.35
CA ASN A 210 8.40 -3.18 13.98
C ASN A 210 9.02 -4.54 14.22
N LEU A 211 9.79 -4.65 15.31
CA LEU A 211 10.70 -5.78 15.49
C LEU A 211 10.03 -7.09 15.87
N GLU A 212 8.90 -7.01 16.57
CA GLU A 212 8.19 -8.21 16.90
C GLU A 212 7.55 -8.88 15.65
N LEU A 213 6.91 -8.09 14.78
CA LEU A 213 6.33 -8.67 13.59
C LEU A 213 7.37 -9.20 12.60
N CYS A 214 8.49 -8.52 12.56
CA CYS A 214 9.59 -8.95 11.74
C CYS A 214 10.01 -10.40 12.08
N ARG A 215 10.16 -10.70 13.36
CA ARG A 215 10.58 -12.01 13.76
C ARG A 215 9.47 -13.04 13.58
N GLU A 216 8.22 -12.60 13.73
CA GLU A 216 7.07 -13.41 13.48
C GLU A 216 7.09 -13.97 12.06
N TYR A 217 7.26 -13.10 11.06
CA TYR A 217 7.19 -13.57 9.70
C TYR A 217 8.38 -14.39 9.28
N ALA A 218 9.56 -14.05 9.82
CA ALA A 218 10.77 -14.84 9.54
C ALA A 218 10.63 -16.23 10.09
N GLN A 219 10.25 -16.34 11.36
CA GLN A 219 9.98 -17.62 11.93
C GLN A 219 8.93 -18.42 11.22
N LYS A 220 7.87 -17.75 10.76
CA LYS A 220 6.80 -18.40 9.99
C LYS A 220 7.37 -19.10 8.75
N ALA A 221 8.29 -18.40 8.06
CA ALA A 221 8.97 -18.94 6.92
C ALA A 221 9.86 -20.14 7.29
N ILE A 222 10.69 -19.98 8.33
CA ILE A 222 11.61 -21.04 8.79
C ILE A 222 10.86 -22.33 9.12
N SER A 223 9.68 -22.20 9.76
CA SER A 223 8.89 -23.33 10.23
C SER A 223 8.36 -24.20 9.10
N SER A 224 7.93 -23.56 8.02
CA SER A 224 7.22 -24.20 6.93
C SER A 224 8.08 -24.61 5.73
N THR A 225 9.34 -24.17 5.67
CA THR A 225 10.20 -24.46 4.53
C THR A 225 11.35 -25.37 4.90
N ASP A 226 11.88 -26.04 3.89
CA ASP A 226 13.20 -26.64 4.00
C ASP A 226 14.12 -26.31 2.81
N THR A 227 13.78 -25.26 2.06
CA THR A 227 14.65 -24.74 1.00
C THR A 227 15.74 -23.75 1.57
N GLN A 228 17.00 -24.11 1.38
CA GLN A 228 18.14 -23.40 1.90
C GLN A 228 18.03 -21.87 1.75
N ARG A 229 17.65 -21.37 0.59
CA ARG A 229 17.57 -19.94 0.40
C ARG A 229 16.65 -19.22 1.41
N PHE A 230 15.53 -19.84 1.73
CA PHE A 230 14.60 -19.19 2.62
C PHE A 230 15.04 -19.28 4.06
N LEU A 231 15.75 -20.36 4.39
CA LEU A 231 16.31 -20.49 5.69
C LEU A 231 17.33 -19.40 5.92
N VAL A 232 18.27 -19.27 5.00
CA VAL A 232 19.32 -18.30 5.06
C VAL A 232 18.79 -16.89 5.32
N PHE A 233 17.92 -16.41 4.47
CA PHE A 233 17.48 -15.02 4.63
C PHE A 233 16.58 -14.82 5.85
N SER A 234 15.89 -15.87 6.26
CA SER A 234 15.10 -15.79 7.44
C SER A 234 15.98 -15.55 8.65
N TYR A 235 17.02 -16.38 8.82
CA TYR A 235 17.92 -16.22 9.94
C TYR A 235 18.69 -14.91 9.87
N LEU A 236 19.13 -14.52 8.67
CA LEU A 236 19.76 -13.25 8.45
C LEU A 236 18.92 -12.13 9.06
N THR A 237 17.64 -12.13 8.67
CA THR A 237 16.72 -11.13 9.12
C THR A 237 16.53 -11.16 10.64
N ILE A 238 16.25 -12.33 11.25
CA ILE A 238 16.05 -12.37 12.67
C ILE A 238 17.27 -11.72 13.44
N GLY A 239 18.48 -12.12 13.05
CA GLY A 239 19.69 -11.59 13.59
C GLY A 239 19.81 -10.09 13.46
N THR A 240 19.51 -9.54 12.29
CA THR A 240 19.51 -8.09 12.15
C THR A 240 18.48 -7.45 13.08
N SER A 241 17.32 -8.07 13.23
CA SER A 241 16.33 -7.51 14.15
C SER A 241 16.85 -7.33 15.58
N TYR A 242 17.93 -8.01 15.97
CA TYR A 242 18.46 -7.90 17.33
C TYR A 242 19.77 -7.11 17.41
N ILE A 243 20.32 -6.74 16.26
CA ILE A 243 21.57 -6.00 16.19
C ILE A 243 21.67 -4.90 17.28
N PHE A 244 20.60 -4.17 17.57
CA PHE A 244 20.70 -3.06 18.54
C PHE A 244 20.17 -3.35 19.94
N SER A 245 19.30 -4.35 20.06
CA SER A 245 18.74 -4.77 21.37
C SER A 245 19.56 -5.80 22.19
N ASP A 246 20.10 -6.84 21.57
CA ASP A 246 20.63 -8.05 22.25
C ASP A 246 21.75 -8.74 21.48
N PHE A 247 22.99 -8.54 21.87
CA PHE A 247 24.16 -9.11 21.19
C PHE A 247 24.10 -10.64 20.99
N ASN A 248 23.83 -11.36 22.07
CA ASN A 248 23.81 -12.81 22.04
C ASN A 248 22.75 -13.43 21.15
N LEU A 249 21.53 -12.89 21.19
CA LEU A 249 20.46 -13.37 20.33
C LEU A 249 20.79 -13.10 18.86
N SER A 250 21.37 -11.94 18.60
CA SER A 250 21.80 -11.56 17.27
C SER A 250 22.88 -12.49 16.77
N LYS A 251 23.91 -12.79 17.60
CA LYS A 251 25.03 -13.66 17.20
C LYS A 251 24.53 -15.04 16.90
N GLN A 252 23.59 -15.50 17.71
CA GLN A 252 23.18 -16.89 17.65
C GLN A 252 22.40 -17.16 16.38
N ASN A 253 21.52 -16.23 15.99
CA ASN A 253 20.77 -16.39 14.76
C ASN A 253 21.68 -16.31 13.52
N TYR A 254 22.63 -15.37 13.53
CA TYR A 254 23.61 -15.29 12.48
C TYR A 254 24.42 -16.61 12.38
N LEU A 255 24.86 -17.17 13.51
CA LEU A 255 25.53 -18.48 13.44
C LEU A 255 24.61 -19.59 12.94
N ILE A 256 23.34 -19.61 13.34
CA ILE A 256 22.44 -20.65 12.86
C ILE A 256 22.34 -20.53 11.33
N GLY A 257 22.07 -19.31 10.85
CA GLY A 257 22.01 -19.03 9.43
C GLY A 257 23.27 -19.41 8.66
N LEU A 258 24.42 -19.13 9.26
CA LEU A 258 25.72 -19.46 8.68
C LEU A 258 25.92 -20.96 8.46
N LYS A 259 25.46 -21.76 9.41
CA LYS A 259 25.48 -23.23 9.30
C LYS A 259 24.61 -23.70 8.13
N PHE A 260 23.44 -23.09 7.95
CA PHE A 260 22.57 -23.39 6.79
C PHE A 260 23.15 -22.92 5.47
N ALA A 261 24.07 -21.99 5.53
CA ALA A 261 24.71 -21.54 4.30
C ALA A 261 25.98 -22.29 3.90
N LYS A 262 26.46 -23.27 4.69
CA LYS A 262 27.65 -24.06 4.33
C LYS A 262 27.76 -24.40 2.84
N GLY A 263 28.94 -24.08 2.25
CA GLY A 263 29.26 -24.39 0.85
C GLY A 263 28.47 -23.67 -0.24
N ASN A 264 28.09 -22.42 0.06
CA ASN A 264 27.51 -21.50 -0.89
C ASN A 264 28.07 -20.14 -0.48
N PRO A 265 29.20 -19.72 -1.11
CA PRO A 265 29.98 -18.54 -0.69
C PRO A 265 29.14 -17.25 -0.65
N GLY A 266 28.20 -17.11 -1.59
CA GLY A 266 27.27 -15.96 -1.68
C GLY A 266 26.43 -15.74 -0.45
N PHE A 267 25.76 -16.81 0.00
CA PHE A 267 25.02 -16.80 1.26
C PHE A 267 25.91 -16.58 2.50
N GLU A 268 27.04 -17.26 2.59
CA GLU A 268 27.99 -17.05 3.69
C GLU A 268 28.37 -15.57 3.82
N GLU A 269 28.64 -14.90 2.70
CA GLU A 269 29.03 -13.49 2.70
C GLU A 269 28.06 -12.59 3.45
N PHE A 270 26.75 -12.82 3.32
CA PHE A 270 25.76 -11.99 4.01
C PHE A 270 25.97 -12.05 5.52
N PHE A 271 26.21 -13.25 6.05
CA PHE A 271 26.40 -13.41 7.47
C PHE A 271 27.73 -12.83 7.96
N LYS A 272 28.80 -13.06 7.21
CA LYS A 272 30.09 -12.53 7.59
C LYS A 272 30.02 -11.02 7.72
N ARG A 273 29.28 -10.39 6.81
CA ARG A 273 29.13 -8.95 6.81
C ARG A 273 28.43 -8.41 8.04
N ASN A 274 27.29 -9.02 8.38
CA ASN A 274 26.53 -8.57 9.52
C ASN A 274 27.13 -8.99 10.85
N LEU A 275 27.78 -10.16 10.90
CA LEU A 275 28.61 -10.48 12.06
C LEU A 275 29.73 -9.43 12.22
N SER A 276 30.35 -8.99 11.12
CA SER A 276 31.32 -7.91 11.19
C SER A 276 30.69 -6.71 11.83
N PHE A 277 29.49 -6.35 11.41
CA PHE A 277 28.91 -5.11 11.89
C PHE A 277 28.55 -5.20 13.36
N LEU A 278 27.80 -6.26 13.72
CA LEU A 278 27.47 -6.59 15.10
C LEU A 278 28.66 -6.47 16.04
N ASN A 279 29.79 -7.13 15.73
CA ASN A 279 30.95 -7.08 16.61
C ASN A 279 31.61 -5.69 16.67
N ASN A 280 31.68 -4.98 15.54
CA ASN A 280 32.10 -3.58 15.56
C ASN A 280 31.19 -2.75 16.43
N PHE A 281 29.88 -2.91 16.31
CA PHE A 281 28.94 -2.06 17.04
C PHE A 281 28.98 -2.26 18.54
N TRP A 282 29.28 -3.48 18.97
CA TRP A 282 29.26 -3.83 20.38
C TRP A 282 30.65 -3.82 20.96
N ASN A 283 31.62 -3.61 20.07
CA ASN A 283 33.02 -3.38 20.43
C ASN A 283 33.64 -4.65 21.06
N LYS A 284 33.29 -5.79 20.46
CA LYS A 284 33.81 -7.11 20.80
C LYS A 284 34.87 -7.44 19.75
N GLU A 285 35.71 -8.46 20.02
CA GLU A 285 36.77 -8.83 19.06
C GLU A 285 36.16 -9.48 17.82
N ASN A 286 36.74 -9.15 16.66
CA ASN A 286 36.03 -9.34 15.40
C ASN A 286 36.75 -10.25 14.41
N GLU A 287 36.39 -11.52 14.42
CA GLU A 287 37.02 -12.45 13.49
C GLU A 287 36.46 -12.45 12.07
N TRP A 288 35.58 -11.52 11.73
CA TRP A 288 34.77 -11.61 10.46
C TRP A 288 35.05 -10.62 9.31
N ILE A 289 35.88 -9.61 9.57
CA ILE A 289 36.15 -8.53 8.64
C ILE A 289 36.81 -8.99 7.38
N ASN A 290 36.30 -8.59 6.24
CA ASN A 290 36.94 -8.87 4.98
C ASN A 290 37.87 -7.73 4.59
N TYR A 291 39.19 -7.91 4.79
CA TYR A 291 40.14 -6.80 4.68
C TYR A 291 40.54 -6.49 3.22
N ASP A 292 40.29 -7.39 2.29
CA ASP A 292 40.71 -7.04 0.92
C ASP A 292 39.61 -6.94 -0.14
N SER A 293 38.36 -6.94 0.30
CA SER A 293 37.24 -6.53 -0.53
C SER A 293 37.26 -5.03 -0.82
N ASP A 294 36.90 -4.71 -2.06
CA ASP A 294 36.70 -3.41 -2.62
C ASP A 294 35.23 -2.91 -2.52
N ALA A 295 34.36 -3.78 -2.00
CA ALA A 295 32.96 -3.46 -1.79
C ALA A 295 32.84 -2.40 -0.68
N VAL A 296 31.98 -1.41 -0.92
CA VAL A 296 31.76 -0.30 0.00
C VAL A 296 31.39 -0.74 1.41
N THR A 297 30.48 -1.70 1.52
CA THR A 297 30.09 -2.25 2.82
C THR A 297 31.30 -2.87 3.56
N ASP A 298 32.25 -3.43 2.82
CA ASP A 298 33.34 -4.13 3.45
C ASP A 298 34.39 -3.15 3.96
N MET A 299 34.69 -2.09 3.19
CA MET A 299 35.62 -1.06 3.63
C MET A 299 35.09 -0.32 4.85
N GLN A 300 33.77 -0.12 4.90
CA GLN A 300 33.09 0.48 6.05
C GLN A 300 33.34 -0.28 7.34
N GLU A 301 33.39 -1.61 7.25
CA GLU A 301 33.69 -2.43 8.41
C GLU A 301 35.10 -2.24 8.92
N VAL A 302 36.07 -2.16 7.99
CA VAL A 302 37.46 -1.93 8.39
C VAL A 302 37.63 -0.59 9.08
N ILE A 303 36.90 0.42 8.60
CA ILE A 303 36.93 1.73 9.21
C ILE A 303 36.32 1.70 10.63
N PHE A 304 35.16 1.04 10.76
CA PHE A 304 34.47 0.98 12.04
C PHE A 304 35.37 0.29 13.05
N GLU A 305 36.07 -0.76 12.66
CA GLU A 305 37.04 -1.39 13.56
C GLU A 305 38.19 -0.43 14.01
N LEU A 306 38.79 0.29 13.03
CA LEU A 306 39.82 1.28 13.28
C LEU A 306 39.35 2.33 14.28
N ILE A 307 38.11 2.79 14.16
CA ILE A 307 37.49 3.71 15.13
C ILE A 307 37.49 3.16 16.56
N ASN A 308 37.14 1.88 16.74
CA ASN A 308 37.17 1.21 18.05
C ASN A 308 38.58 1.07 18.64
N HIS A 309 39.59 0.87 17.79
CA HIS A 309 40.99 0.86 18.20
C HIS A 309 41.59 2.27 18.34
N LYS A 310 40.73 3.29 18.35
CA LYS A 310 41.10 4.70 18.48
C LYS A 310 42.15 5.18 17.46
N GLU A 311 42.20 4.58 16.27
CA GLU A 311 43.13 5.01 15.21
C GLU A 311 42.45 5.97 14.24
N LEU A 312 42.14 7.15 14.78
CA LEU A 312 41.27 8.13 14.11
C LEU A 312 41.87 8.75 12.86
N SER A 313 43.19 8.85 12.83
CA SER A 313 43.90 9.36 11.66
C SER A 313 43.85 8.37 10.46
N LYS A 314 44.14 7.09 10.71
CA LYS A 314 44.08 6.04 9.66
C LYS A 314 42.65 5.87 9.14
N ALA A 315 41.69 5.95 10.06
CA ALA A 315 40.27 5.90 9.72
C ALA A 315 39.84 7.03 8.79
N LEU A 316 40.34 8.25 9.01
CA LEU A 316 39.92 9.40 8.22
C LEU A 316 40.43 9.27 6.81
N GLN A 317 41.62 8.69 6.63
CA GLN A 317 42.17 8.59 5.28
C GLN A 317 41.45 7.57 4.45
N LEU A 318 41.07 6.46 5.09
CA LEU A 318 40.32 5.39 4.45
C LEU A 318 38.89 5.83 4.07
N LEU A 319 38.36 6.76 4.87
CA LEU A 319 37.02 7.29 4.67
C LEU A 319 36.96 8.28 3.53
N ASN A 320 37.99 9.10 3.37
CA ASN A 320 38.08 10.01 2.22
C ASN A 320 38.13 9.25 0.91
N LYS A 321 38.81 8.10 0.91
CA LYS A 321 38.94 7.23 -0.25
C LYS A 321 37.53 6.74 -0.71
N LEU A 322 36.65 6.52 0.24
CA LEU A 322 35.27 6.12 -0.03
C LEU A 322 34.33 7.21 -0.53
N GLU A 323 34.63 8.48 -0.26
CA GLU A 323 33.83 9.59 -0.81
C GLU A 323 33.87 9.62 -2.35
N GLU A 324 34.98 9.13 -2.93
CA GLU A 324 35.13 8.83 -4.37
C GLU A 324 34.07 7.87 -4.97
N ARG A 325 33.46 7.00 -4.16
CA ARG A 325 32.78 5.80 -4.69
C ARG A 325 31.27 5.88 -4.68
N ASP A 326 30.62 5.31 -5.69
CA ASP A 326 29.16 5.33 -5.77
C ASP A 326 28.61 4.45 -4.70
N GLN A 327 27.66 4.99 -3.94
CA GLN A 327 27.04 4.32 -2.80
C GLN A 327 25.55 4.58 -2.95
N ASN A 328 24.67 3.68 -2.49
CA ASN A 328 23.25 4.04 -2.38
C ASN A 328 22.91 4.89 -1.14
N GLU A 329 21.66 5.36 -1.04
CA GLU A 329 21.27 6.25 0.06
C GLU A 329 21.52 5.63 1.46
N ASN A 330 21.21 4.34 1.59
CA ASN A 330 21.42 3.66 2.84
C ASN A 330 22.90 3.54 3.23
N GLU A 331 23.76 3.32 2.23
CA GLU A 331 25.21 3.23 2.44
C GLU A 331 25.80 4.58 2.86
N LEU A 332 25.26 5.66 2.29
CA LEU A 332 25.61 7.04 2.65
C LEU A 332 25.22 7.35 4.08
N GLY A 333 24.11 6.74 4.51
CA GLY A 333 23.68 6.75 5.91
C GLY A 333 24.78 6.35 6.84
N PHE A 334 25.31 5.14 6.65
CA PHE A 334 26.44 4.68 7.48
C PHE A 334 27.67 5.52 7.23
N HIS A 335 27.93 5.88 5.99
CA HIS A 335 29.11 6.67 5.69
C HIS A 335 29.22 7.91 6.60
N TYR A 336 28.12 8.67 6.69
CA TYR A 336 28.12 9.92 7.40
C TYR A 336 28.11 9.75 8.92
N TYR A 337 27.53 8.64 9.37
CA TYR A 337 27.65 8.22 10.74
C TYR A 337 29.13 8.04 11.11
N LEU A 338 29.88 7.27 10.31
CA LEU A 338 31.29 7.08 10.56
C LEU A 338 32.03 8.40 10.50
N LYS A 339 31.70 9.27 9.53
CA LYS A 339 32.38 10.57 9.45
C LYS A 339 32.22 11.29 10.76
N GLY A 340 31.02 11.19 11.35
CA GLY A 340 30.72 11.80 12.63
C GLY A 340 31.50 11.27 13.81
N LEU A 341 31.63 9.94 13.92
CA LEU A 341 32.40 9.37 15.02
C LEU A 341 33.84 9.80 14.92
N ILE A 342 34.38 9.91 13.72
CA ILE A 342 35.77 10.34 13.51
C ILE A 342 35.94 11.84 13.80
N THR A 343 35.09 12.67 13.21
CA THR A 343 35.29 14.12 13.23
C THR A 343 34.63 14.87 14.38
N ASN A 344 33.66 14.25 15.05
CA ASN A 344 32.83 14.87 16.11
C ASN A 344 32.13 16.14 15.69
N GLU A 345 31.72 16.16 14.44
CA GLU A 345 30.96 17.25 13.85
C GLU A 345 29.46 16.91 13.84
N LYS A 346 28.57 17.82 14.25
CA LYS A 346 27.13 17.59 14.20
C LYS A 346 26.64 17.44 12.76
N GLU A 347 27.21 18.26 11.87
CA GLU A 347 26.94 18.20 10.46
C GLU A 347 26.93 16.77 9.84
N ALA A 348 27.98 16.00 10.11
CA ALA A 348 28.05 14.64 9.63
C ALA A 348 26.86 13.81 10.12
N PHE A 349 26.48 14.01 11.39
CA PHE A 349 25.33 13.28 11.89
C PHE A 349 24.00 13.72 11.28
N PHE A 350 23.82 15.01 10.98
CA PHE A 350 22.56 15.43 10.39
C PHE A 350 22.39 14.77 9.01
N LYS A 351 23.49 14.74 8.23
CA LYS A 351 23.52 14.14 6.91
C LYS A 351 23.12 12.68 7.05
N SER A 352 23.69 12.00 8.03
CA SER A 352 23.39 10.61 8.27
C SER A 352 21.89 10.40 8.51
N VAL A 353 21.27 11.29 9.30
CA VAL A 353 19.82 11.20 9.54
C VAL A 353 19.02 11.46 8.25
N GLU A 354 19.42 12.46 7.45
CA GLU A 354 18.75 12.75 6.20
C GLU A 354 18.76 11.55 5.22
N TYR A 355 19.88 10.83 5.18
CA TYR A 355 20.02 9.73 4.26
C TYR A 355 19.22 8.55 4.73
N PHE A 356 19.31 8.23 6.02
CA PHE A 356 18.43 7.18 6.55
C PHE A 356 16.95 7.54 6.43
N LYS A 357 16.59 8.83 6.50
CA LYS A 357 15.21 9.21 6.20
C LYS A 357 14.83 9.01 4.76
N ALA A 358 15.70 9.42 3.84
CA ALA A 358 15.48 9.28 2.41
C ALA A 358 15.24 7.83 2.04
N SER A 359 16.11 6.94 2.51
CA SER A 359 15.98 5.55 2.25
C SER A 359 14.98 4.87 3.19
N GLN A 360 14.44 5.65 4.13
CA GLN A 360 13.40 5.19 5.09
C GLN A 360 13.79 3.92 5.88
N ASP A 361 14.96 3.96 6.48
CA ASP A 361 15.50 2.89 7.29
C ASP A 361 15.27 3.30 8.75
N LYS A 362 14.11 2.93 9.28
CA LYS A 362 13.71 3.34 10.62
C LYS A 362 14.51 2.60 11.68
N LEU A 363 15.26 1.57 11.27
CA LEU A 363 16.10 0.77 12.16
C LEU A 363 17.43 1.42 12.47
N SER A 364 18.19 1.76 11.44
CA SER A 364 19.55 2.30 11.58
C SER A 364 19.57 3.75 12.05
N ILE A 365 18.47 4.48 11.83
CA ILE A 365 18.39 5.89 12.20
C ILE A 365 18.69 6.12 13.70
N LYS A 366 18.44 5.11 14.54
CA LYS A 366 18.80 5.19 15.97
C LYS A 366 20.24 5.69 16.19
N MET A 367 21.20 5.12 15.46
CA MET A 367 22.61 5.42 15.68
C MET A 367 22.98 6.92 15.60
N PRO A 368 22.76 7.58 14.44
CA PRO A 368 23.11 8.98 14.50
C PRO A 368 22.23 9.81 15.44
N LEU A 369 20.98 9.39 15.65
CA LEU A 369 20.10 10.09 16.59
C LEU A 369 20.67 10.11 18.03
N ILE A 370 21.09 8.94 18.54
CA ILE A 370 21.76 8.81 19.83
C ILE A 370 22.96 9.76 19.93
N GLN A 371 23.78 9.77 18.89
CA GLN A 371 24.93 10.65 18.81
C GLN A 371 24.57 12.12 18.87
N LEU A 372 23.48 12.51 18.19
CA LEU A 372 23.02 13.91 18.26
C LEU A 372 22.50 14.31 19.64
N GLU A 373 21.78 13.39 20.31
CA GLU A 373 21.38 13.56 21.70
C GLU A 373 22.57 13.75 22.67
N LYS A 374 23.66 12.99 22.49
CA LYS A 374 24.91 13.18 23.25
C LYS A 374 25.57 14.54 23.06
N MET A 375 25.39 15.17 21.91
CA MET A 375 25.99 16.49 21.60
C MET A 375 25.03 17.67 21.81
N GLY A 376 23.97 17.43 22.59
CA GLY A 376 23.15 18.53 23.11
C GLY A 376 21.94 18.93 22.30
N GLU A 377 21.58 18.18 21.28
CA GLU A 377 20.40 18.50 20.50
C GLU A 377 19.15 18.12 21.23
N ASN A 378 18.05 18.82 20.95
CA ASN A 378 16.81 18.57 21.65
C ASN A 378 16.32 17.15 21.62
N PRO A 379 16.24 16.52 22.79
CA PRO A 379 15.82 15.14 22.87
C PRO A 379 14.37 14.92 22.52
N ARG A 380 13.53 15.92 22.69
CA ARG A 380 12.13 15.77 22.37
C ARG A 380 11.97 15.74 20.90
N LEU A 381 12.76 16.56 20.22
CA LEU A 381 12.70 16.62 18.80
C LEU A 381 13.23 15.36 18.20
N LEU A 382 14.24 14.77 18.79
CA LEU A 382 14.80 13.55 18.27
C LEU A 382 13.80 12.44 18.44
N LYS A 383 13.00 12.48 19.49
CA LYS A 383 11.93 11.47 19.67
C LYS A 383 10.89 11.57 18.52
N ILE A 384 10.46 12.80 18.20
CA ILE A 384 9.53 13.06 17.09
C ILE A 384 10.06 12.61 15.71
N ILE A 385 11.38 12.67 15.48
CA ILE A 385 11.94 12.19 14.24
C ILE A 385 11.70 10.68 14.01
N THR A 386 11.77 9.87 15.09
CA THR A 386 11.52 8.40 15.02
C THR A 386 10.04 7.95 14.97
N MET A 387 9.12 8.83 15.36
CA MET A 387 7.66 8.56 15.28
C MET A 387 7.14 7.97 13.95
N GLY B 1 28.15 -1.00 6.62
CA GLY B 1 26.67 -1.20 6.41
C GLY B 1 26.10 -2.53 6.88
N ILE B 2 24.80 -2.51 7.15
CA ILE B 2 23.99 -3.72 7.29
C ILE B 2 23.64 -4.19 5.87
N VAL B 3 23.76 -5.48 5.61
CA VAL B 3 23.20 -6.07 4.40
C VAL B 3 21.84 -6.77 4.65
N ARG B 4 20.98 -6.74 3.64
CA ARG B 4 19.66 -7.36 3.71
C ARG B 4 19.48 -8.29 2.52
N GLY B 5 18.51 -9.19 2.60
CA GLY B 5 18.16 -10.03 1.46
C GLY B 5 16.87 -10.76 1.73
N ALA B 6 16.08 -10.99 0.68
CA ALA B 6 14.82 -11.73 0.79
C ALA B 6 14.72 -12.97 -0.13
N MET C 2 -45.92 2.30 -12.24
CA MET C 2 -45.78 2.97 -13.56
C MET C 2 -44.91 4.23 -13.46
N GLU C 3 -43.62 4.07 -13.77
CA GLU C 3 -42.59 5.08 -13.43
C GLU C 3 -42.73 6.47 -14.11
N LEU C 4 -42.79 7.51 -13.27
CA LEU C 4 -42.91 8.94 -13.64
C LEU C 4 -42.04 9.40 -14.82
N ILE C 5 -40.83 8.81 -14.91
CA ILE C 5 -39.88 9.10 -15.97
C ILE C 5 -40.33 8.60 -17.35
N ARG C 6 -41.00 7.43 -17.40
CA ARG C 6 -41.62 6.95 -18.65
C ARG C 6 -42.75 7.86 -19.10
N ILE C 7 -43.64 8.23 -18.15
CA ILE C 7 -44.71 9.22 -18.35
C ILE C 7 -44.15 10.54 -18.91
N ALA C 8 -43.07 11.07 -18.28
CA ALA C 8 -42.45 12.31 -18.73
C ALA C 8 -41.93 12.26 -20.18
N MET C 9 -41.19 11.19 -20.49
CA MET C 9 -40.61 10.98 -21.82
C MET C 9 -41.63 10.65 -22.91
N LYS C 10 -42.67 9.87 -22.59
CA LYS C 10 -43.75 9.57 -23.56
C LYS C 10 -44.44 10.86 -23.94
N LYS C 11 -44.71 11.73 -22.96
CA LYS C 11 -45.31 13.06 -23.18
C LYS C 11 -44.45 13.92 -24.13
N ASP C 12 -43.15 14.03 -23.86
CA ASP C 12 -42.25 14.86 -24.68
C ASP C 12 -41.98 14.28 -26.06
N LEU C 13 -42.14 12.97 -26.21
CA LEU C 13 -41.90 12.26 -27.46
C LEU C 13 -43.02 12.40 -28.50
N GLU C 14 -44.26 12.50 -28.05
CA GLU C 14 -45.37 12.72 -28.98
C GLU C 14 -45.42 14.16 -29.51
N ASN C 15 -44.79 15.08 -28.78
CA ASN C 15 -44.65 16.49 -29.21
C ASN C 15 -43.48 16.76 -30.17
N ASP C 16 -42.49 15.85 -30.20
CA ASP C 16 -41.20 16.03 -30.89
C ASP C 16 -40.57 14.68 -31.29
N ASN C 17 -40.62 14.35 -32.59
CA ASN C 17 -40.17 13.05 -33.12
C ASN C 17 -38.64 12.85 -33.12
N SER C 18 -37.90 13.97 -33.21
CA SER C 18 -36.44 14.02 -33.27
C SER C 18 -35.71 13.68 -31.94
N LEU C 19 -36.47 13.55 -30.85
CA LEU C 19 -35.91 13.21 -29.51
C LEU C 19 -35.32 11.79 -29.40
N MET C 20 -35.80 10.85 -30.22
CA MET C 20 -35.27 9.48 -30.30
C MET C 20 -33.76 9.44 -30.60
N ASN C 21 -33.36 10.10 -31.68
CA ASN C 21 -31.97 10.21 -32.12
C ASN C 21 -31.10 10.94 -31.08
N LYS C 22 -31.65 12.02 -30.51
CA LYS C 22 -30.96 12.85 -29.52
C LYS C 22 -30.71 12.06 -28.22
N TRP C 23 -31.71 11.29 -27.79
CA TRP C 23 -31.59 10.44 -26.62
C TRP C 23 -30.72 9.21 -26.86
N ALA C 24 -30.74 8.65 -28.06
CA ALA C 24 -29.87 7.53 -28.42
C ALA C 24 -28.38 7.88 -28.29
N THR C 25 -27.96 9.04 -28.80
CA THR C 25 -26.54 9.42 -28.70
C THR C 25 -26.20 9.84 -27.25
N VAL C 26 -27.07 10.58 -26.59
CA VAL C 26 -26.84 10.92 -25.18
C VAL C 26 -26.73 9.70 -24.25
N ALA C 27 -27.42 8.60 -24.59
CA ALA C 27 -27.44 7.36 -23.77
C ALA C 27 -26.32 6.37 -24.10
N GLY C 28 -25.46 6.76 -25.03
CA GLY C 28 -24.33 5.95 -25.49
C GLY C 28 -24.73 4.70 -26.23
N LEU C 29 -25.92 4.68 -26.82
CA LEU C 29 -26.44 3.53 -27.56
C LEU C 29 -26.05 3.57 -29.04
N LYS C 30 -25.85 2.38 -29.63
CA LYS C 30 -25.55 2.21 -31.07
C LYS C 30 -26.71 2.56 -31.99
N ASN C 31 -27.93 2.18 -31.57
CA ASN C 31 -29.16 2.43 -32.33
C ASN C 31 -30.37 2.64 -31.38
N PRO C 32 -31.45 3.33 -31.86
CA PRO C 32 -32.58 3.65 -30.95
C PRO C 32 -33.44 2.46 -30.37
N ASN C 33 -33.05 1.19 -30.59
CA ASN C 33 -33.87 0.03 -30.13
C ASN C 33 -34.11 -0.18 -28.63
N PRO C 34 -33.04 -0.22 -27.76
CA PRO C 34 -33.31 -0.48 -26.32
C PRO C 34 -34.12 0.65 -25.65
N LEU C 35 -34.04 1.85 -26.25
CA LEU C 35 -34.90 2.99 -25.94
C LEU C 35 -36.41 2.69 -26.18
N TYR C 36 -36.73 2.15 -27.34
CA TYR C 36 -38.10 1.75 -27.65
C TYR C 36 -38.63 0.71 -26.66
N ASP C 37 -37.78 -0.26 -26.33
CA ASP C 37 -38.08 -1.32 -25.38
C ASP C 37 -38.35 -0.76 -24.00
N PHE C 38 -37.46 0.11 -23.53
CA PHE C 38 -37.60 0.80 -22.26
C PHE C 38 -38.90 1.58 -22.15
N LEU C 39 -39.30 2.22 -23.24
CA LEU C 39 -40.56 2.99 -23.27
C LEU C 39 -41.84 2.12 -23.37
N ASN C 40 -41.73 0.89 -23.85
CA ASN C 40 -42.92 0.07 -24.09
C ASN C 40 -43.16 -1.12 -23.18
N HIS C 41 -42.12 -1.94 -22.95
CA HIS C 41 -42.25 -3.15 -22.13
C HIS C 41 -41.83 -2.85 -20.70
N ASP C 42 -42.80 -2.94 -19.76
CA ASP C 42 -42.50 -2.76 -18.33
C ASP C 42 -41.38 -3.68 -17.90
N GLY C 43 -40.50 -3.18 -17.06
CA GLY C 43 -39.39 -3.99 -16.53
C GLY C 43 -38.14 -4.06 -17.39
N LYS C 44 -38.19 -3.61 -18.64
CA LYS C 44 -36.97 -3.50 -19.46
C LYS C 44 -36.05 -2.38 -18.96
N THR C 45 -34.83 -2.77 -18.63
CA THR C 45 -33.81 -1.80 -18.21
C THR C 45 -32.62 -1.86 -19.18
N PHE C 46 -32.00 -0.69 -19.39
CA PHE C 46 -30.79 -0.57 -20.20
C PHE C 46 -29.64 -1.46 -19.67
N ASN C 47 -28.78 -1.94 -20.58
CA ASN C 47 -27.59 -2.72 -20.21
C ASN C 47 -26.66 -1.92 -19.32
N GLU C 48 -26.56 -0.62 -19.58
CA GLU C 48 -25.78 0.27 -18.77
C GLU C 48 -26.63 1.38 -18.15
N PHE C 49 -26.55 1.51 -16.82
CA PHE C 49 -27.37 2.46 -16.03
C PHE C 49 -27.10 3.93 -16.37
N SER C 50 -25.90 4.21 -16.88
CA SER C 50 -25.55 5.56 -17.38
C SER C 50 -26.53 6.04 -18.44
N SER C 51 -27.14 5.11 -19.18
CA SER C 51 -28.19 5.47 -20.14
C SER C 51 -29.33 6.28 -19.53
N ILE C 52 -29.93 5.78 -18.47
CA ILE C 52 -31.01 6.50 -17.83
C ILE C 52 -30.54 7.81 -17.12
N VAL C 53 -29.33 7.81 -16.53
CA VAL C 53 -28.86 9.00 -15.82
C VAL C 53 -28.60 10.14 -16.83
N ASN C 54 -27.93 9.82 -17.92
CA ASN C 54 -27.62 10.81 -18.96
C ASN C 54 -28.85 11.37 -19.68
N ILE C 55 -29.90 10.56 -19.86
CA ILE C 55 -31.17 11.08 -20.35
C ILE C 55 -31.79 12.03 -19.33
N VAL C 56 -31.86 11.59 -18.07
CA VAL C 56 -32.47 12.43 -17.03
C VAL C 56 -31.73 13.76 -16.85
N LYS C 57 -30.39 13.70 -16.80
CA LYS C 57 -29.57 14.90 -16.60
C LYS C 57 -29.68 15.93 -17.72
N SER C 58 -29.78 15.47 -18.97
CA SER C 58 -29.84 16.44 -20.06
C SER C 58 -31.25 16.86 -20.50
N GLN C 59 -32.27 16.08 -20.14
CA GLN C 59 -33.63 16.36 -20.53
C GLN C 59 -34.48 16.98 -19.40
N TYR C 60 -34.20 16.60 -18.15
CA TYR C 60 -34.96 17.13 -17.02
C TYR C 60 -33.99 17.51 -15.92
N PRO C 61 -33.06 18.45 -16.21
CA PRO C 61 -31.92 18.64 -15.30
C PRO C 61 -32.34 19.00 -13.89
N ASP C 62 -33.44 19.75 -13.79
CA ASP C 62 -33.95 20.25 -12.50
C ASP C 62 -34.89 19.31 -11.77
N ARG C 63 -35.27 18.20 -12.41
CA ARG C 63 -36.08 17.20 -11.73
C ARG C 63 -35.37 15.85 -11.54
N GLU C 64 -34.03 15.84 -11.65
CA GLU C 64 -33.24 14.64 -11.43
C GLU C 64 -33.67 13.87 -10.16
N TYR C 65 -33.62 14.53 -9.00
CA TYR C 65 -33.92 13.84 -7.74
C TYR C 65 -35.33 13.24 -7.68
N GLU C 66 -36.38 14.01 -7.97
CA GLU C 66 -37.76 13.47 -7.92
C GLU C 66 -38.04 12.33 -8.94
N LEU C 67 -37.51 12.46 -10.16
CA LEU C 67 -37.62 11.43 -11.17
C LEU C 67 -36.82 10.18 -10.81
N MET C 68 -35.56 10.36 -10.45
CA MET C 68 -34.72 9.23 -10.05
C MET C 68 -35.21 8.46 -8.85
N LYS C 69 -35.71 9.14 -7.83
CA LYS C 69 -36.31 8.52 -6.65
C LYS C 69 -37.51 7.64 -7.05
N ASP C 70 -38.28 8.11 -8.01
CA ASP C 70 -39.39 7.31 -8.47
C ASP C 70 -38.93 6.10 -9.29
N TYR C 71 -37.88 6.24 -10.06
CA TYR C 71 -37.43 5.16 -10.87
C TYR C 71 -36.69 4.13 -10.08
N CYS C 72 -36.03 4.55 -9.02
CA CYS C 72 -35.26 3.62 -8.22
C CYS C 72 -36.17 2.70 -7.48
N LEU C 73 -37.28 3.23 -7.00
CA LEU C 73 -38.29 2.36 -6.44
C LEU C 73 -39.05 1.86 -7.70
N ASN C 74 -39.60 0.65 -7.63
CA ASN C 74 -40.27 -0.12 -8.72
C ASN C 74 -39.21 -0.72 -9.62
N LEU C 75 -38.02 -0.87 -9.08
CA LEU C 75 -36.93 -1.47 -9.81
C LEU C 75 -36.79 -2.84 -9.19
N ASP C 76 -36.55 -3.85 -10.02
CA ASP C 76 -36.41 -5.18 -9.49
C ASP C 76 -35.12 -5.24 -8.73
N VAL C 77 -35.21 -5.39 -7.44
CA VAL C 77 -33.95 -5.39 -6.67
C VAL C 77 -32.96 -6.49 -7.06
N LYS C 78 -33.44 -7.54 -7.74
CA LYS C 78 -32.56 -8.64 -8.13
C LYS C 78 -31.67 -8.35 -9.35
N THR C 79 -31.77 -7.17 -9.96
CA THR C 79 -31.11 -6.90 -11.25
C THR C 79 -29.86 -6.02 -11.15
N LYS C 80 -29.08 -6.00 -12.21
CA LYS C 80 -27.89 -5.20 -12.27
C LYS C 80 -28.25 -3.75 -12.12
N ALA C 81 -29.38 -3.37 -12.68
CA ALA C 81 -29.82 -2.01 -12.64
C ALA C 81 -30.05 -1.53 -11.24
N ALA C 82 -30.63 -2.36 -10.38
CA ALA C 82 -30.87 -1.96 -9.02
C ALA C 82 -29.55 -1.80 -8.33
N ARG C 83 -28.65 -2.73 -8.58
CA ARG C 83 -27.33 -2.68 -8.03
C ARG C 83 -26.59 -1.45 -8.48
N SER C 84 -26.73 -1.09 -9.74
CA SER C 84 -26.18 0.16 -10.23
C SER C 84 -26.83 1.40 -9.63
N ALA C 85 -28.08 1.32 -9.25
CA ALA C 85 -28.76 2.45 -8.68
C ALA C 85 -28.35 2.72 -7.26
N LEU C 86 -27.86 1.70 -6.58
CA LEU C 86 -27.43 1.88 -5.23
C LEU C 86 -26.18 2.71 -5.26
N GLU C 87 -25.29 2.43 -6.19
CA GLU C 87 -24.08 3.20 -6.27
C GLU C 87 -24.47 4.60 -6.62
N TYR C 88 -25.37 4.77 -7.55
CA TYR C 88 -25.80 6.10 -7.91
C TYR C 88 -26.29 6.85 -6.68
N ALA C 89 -27.16 6.23 -5.89
CA ALA C 89 -27.73 6.88 -4.73
C ALA C 89 -26.66 7.19 -3.70
N ASP C 90 -25.74 6.24 -3.45
CA ASP C 90 -24.69 6.49 -2.47
C ASP C 90 -23.72 7.58 -2.91
N ALA C 91 -23.22 7.50 -4.13
CA ALA C 91 -22.39 8.56 -4.70
C ALA C 91 -23.00 9.99 -4.58
N ASN C 92 -24.31 10.14 -4.73
CA ASN C 92 -24.94 11.47 -4.64
C ASN C 92 -25.35 11.86 -3.24
N MET C 93 -25.23 10.92 -2.32
CA MET C 93 -25.74 11.06 -0.96
C MET C 93 -27.26 11.21 -0.85
N PHE C 94 -28.00 10.66 -1.81
CA PHE C 94 -29.46 10.57 -1.75
C PHE C 94 -29.88 9.45 -0.76
N PHE C 95 -29.82 9.75 0.54
CA PHE C 95 -30.04 8.76 1.59
C PHE C 95 -31.40 8.09 1.68
N GLU C 96 -32.48 8.78 1.32
CA GLU C 96 -33.81 8.12 1.28
C GLU C 96 -33.90 7.02 0.22
N ILE C 97 -33.38 7.32 -0.98
CA ILE C 97 -33.31 6.35 -2.06
C ILE C 97 -32.44 5.17 -1.63
N GLU C 98 -31.27 5.49 -1.08
CA GLU C 98 -30.29 4.49 -0.70
C GLU C 98 -30.79 3.54 0.41
N ASP C 99 -31.41 4.09 1.45
CA ASP C 99 -31.80 3.23 2.57
C ASP C 99 -32.92 2.25 2.21
N ALA C 100 -33.79 2.63 1.27
CA ALA C 100 -34.91 1.79 0.84
C ALA C 100 -34.48 0.68 -0.15
N LEU C 101 -33.51 0.99 -1.00
CA LEU C 101 -32.84 -0.04 -1.80
C LEU C 101 -32.09 -1.06 -0.93
N ILE C 102 -31.36 -0.58 0.07
CA ILE C 102 -30.63 -1.44 1.02
C ILE C 102 -31.61 -2.36 1.75
N ASP C 103 -32.71 -1.81 2.27
CA ASP C 103 -33.73 -2.62 2.97
C ASP C 103 -34.18 -3.79 2.10
N SER C 104 -34.60 -3.50 0.86
CA SER C 104 -35.12 -4.53 -0.05
C SER C 104 -34.04 -5.42 -0.67
N MET C 105 -32.79 -4.99 -0.70
CA MET C 105 -31.69 -5.81 -1.21
C MET C 105 -31.16 -6.81 -0.22
N ILE C 106 -31.21 -6.46 1.07
CA ILE C 106 -30.85 -7.35 2.14
C ILE C 106 -31.76 -8.61 2.17
N SER C 107 -33.07 -8.42 2.00
CA SER C 107 -34.06 -9.52 2.09
C SER C 107 -34.28 -10.40 0.83
N CYS C 108 -33.95 -9.92 -0.37
CA CYS C 108 -34.15 -10.69 -1.61
C CYS C 108 -33.24 -11.94 -1.75
N SER C 109 -33.43 -12.67 -2.84
CA SER C 109 -32.84 -14.00 -3.02
C SER C 109 -31.68 -14.12 -4.03
N ASN C 110 -31.33 -13.00 -4.68
CA ASN C 110 -30.15 -12.90 -5.54
C ASN C 110 -28.89 -12.60 -4.69
N MET C 111 -27.86 -13.45 -4.82
CA MET C 111 -26.67 -13.42 -3.98
C MET C 111 -25.83 -12.16 -4.11
N LYS C 112 -25.72 -11.69 -5.35
CA LYS C 112 -25.00 -10.47 -5.68
C LYS C 112 -25.67 -9.22 -5.10
N SER C 113 -27.01 -9.14 -5.19
CA SER C 113 -27.73 -8.01 -4.63
C SER C 113 -27.72 -8.01 -3.12
N LYS C 114 -27.79 -9.20 -2.52
CA LYS C 114 -27.64 -9.36 -1.07
C LYS C 114 -26.28 -8.78 -0.63
N GLU C 115 -25.19 -9.18 -1.27
CA GLU C 115 -23.86 -8.65 -0.99
C GLU C 115 -23.76 -7.12 -1.11
N TYR C 116 -24.28 -6.54 -2.20
CA TYR C 116 -24.24 -5.08 -2.33
C TYR C 116 -25.02 -4.44 -1.21
N GLY C 117 -26.20 -4.97 -0.88
CA GLY C 117 -27.01 -4.42 0.21
C GLY C 117 -26.21 -4.38 1.51
N LYS C 118 -25.64 -5.53 1.85
CA LYS C 118 -24.92 -5.69 3.09
C LYS C 118 -23.69 -4.75 3.21
N VAL C 119 -22.91 -4.60 2.15
CA VAL C 119 -21.71 -3.76 2.21
C VAL C 119 -22.05 -2.27 2.24
N TYR C 120 -23.08 -1.81 1.52
CA TYR C 120 -23.47 -0.41 1.56
C TYR C 120 -24.07 -0.04 2.91
N LYS C 121 -24.81 -0.98 3.51
CA LYS C 121 -25.32 -0.81 4.87
C LYS C 121 -24.15 -0.61 5.85
N ILE C 122 -23.09 -1.41 5.74
CA ILE C 122 -21.91 -1.24 6.57
C ILE C 122 -21.34 0.18 6.39
N HIS C 123 -21.27 0.67 5.16
CA HIS C 123 -20.79 2.01 4.89
C HIS C 123 -21.73 3.04 5.55
N ARG C 124 -23.04 2.81 5.49
CA ARG C 124 -24.02 3.74 6.06
C ARG C 124 -23.98 3.75 7.58
N GLU C 125 -23.93 2.56 8.17
CA GLU C 125 -23.87 2.45 9.60
C GLU C 125 -22.55 3.08 10.12
N LEU C 126 -21.47 2.94 9.35
CA LEU C 126 -20.19 3.57 9.70
C LEU C 126 -20.19 5.09 9.63
N SER C 127 -20.77 5.69 8.59
CA SER C 127 -20.88 7.16 8.51
C SER C 127 -21.69 7.79 9.62
N LYS C 128 -22.58 7.00 10.21
CA LYS C 128 -23.56 7.50 11.17
C LYS C 128 -23.18 7.22 12.63
N GLY C 129 -22.05 6.57 12.85
CA GLY C 129 -21.61 6.21 14.19
C GLY C 129 -22.41 5.11 14.89
N GLU C 130 -23.25 4.40 14.14
CA GLU C 130 -23.93 3.19 14.67
C GLU C 130 -22.98 2.01 14.88
N ILE C 131 -21.84 2.03 14.18
CA ILE C 131 -20.71 1.11 14.43
C ILE C 131 -19.39 1.88 14.31
N ASP C 132 -18.30 1.30 14.77
CA ASP C 132 -16.93 1.84 14.52
C ASP C 132 -16.07 0.91 13.64
N VAL C 133 -14.95 1.43 13.13
CA VAL C 133 -14.00 0.66 12.29
C VAL C 133 -13.82 -0.82 12.63
N PHE C 134 -13.82 -1.14 13.92
CA PHE C 134 -13.55 -2.52 14.34
C PHE C 134 -14.73 -3.44 14.06
N GLU C 135 -15.94 -2.92 14.16
CA GLU C 135 -17.13 -3.71 13.81
C GLU C 135 -17.31 -3.79 12.29
N ALA C 136 -17.00 -2.68 11.61
CA ALA C 136 -16.97 -2.62 10.15
C ALA C 136 -16.09 -3.72 9.56
N SER C 137 -14.83 -3.78 9.98
CA SER C 137 -13.93 -4.85 9.57
C SER C 137 -14.47 -6.21 9.87
N ALA C 138 -15.01 -6.39 11.06
CA ALA C 138 -15.59 -7.66 11.46
C ALA C 138 -16.76 -8.04 10.53
N ASN C 139 -17.65 -7.06 10.26
CA ASN C 139 -18.80 -7.29 9.39
C ASN C 139 -18.40 -7.59 7.95
N ILE C 140 -17.32 -6.95 7.45
CA ILE C 140 -16.84 -7.16 6.08
C ILE C 140 -16.42 -8.62 5.87
N GLY C 141 -15.60 -9.14 6.79
CA GLY C 141 -15.18 -10.55 6.79
C GLY C 141 -16.33 -11.54 6.98
N LYS C 142 -17.25 -11.23 7.91
CA LYS C 142 -18.48 -12.00 8.17
C LYS C 142 -19.30 -12.19 6.89
N GLN C 143 -19.16 -11.25 5.97
CA GLN C 143 -19.89 -11.28 4.70
C GLN C 143 -19.37 -12.27 3.68
N ARG C 144 -18.10 -12.63 3.80
CA ARG C 144 -17.38 -13.45 2.80
C ARG C 144 -17.74 -12.97 1.38
N ILE C 145 -17.18 -11.80 1.06
CA ILE C 145 -17.41 -11.06 -0.17
C ILE C 145 -16.90 -11.89 -1.36
N LYS C 146 -17.68 -11.96 -2.43
CA LYS C 146 -17.30 -12.72 -3.62
C LYS C 146 -17.06 -11.86 -4.87
N THR C 147 -17.66 -10.67 -4.95
CA THR C 147 -17.49 -9.81 -6.13
C THR C 147 -16.30 -8.84 -6.02
N ALA C 148 -15.69 -8.54 -7.15
CA ALA C 148 -14.53 -7.67 -7.16
C ALA C 148 -14.90 -6.25 -6.66
N GLU C 149 -16.08 -5.79 -7.09
CA GLU C 149 -16.64 -4.49 -6.78
C GLU C 149 -16.80 -4.29 -5.29
N MET C 150 -17.48 -5.22 -4.63
CA MET C 150 -17.69 -5.11 -3.22
C MET C 150 -16.42 -5.26 -2.39
N ASN C 151 -15.48 -6.02 -2.92
CA ASN C 151 -14.15 -6.06 -2.36
C ASN C 151 -13.52 -4.64 -2.43
N ILE C 152 -13.52 -4.03 -3.62
CA ILE C 152 -13.05 -2.65 -3.77
C ILE C 152 -13.83 -1.69 -2.86
N PHE C 153 -15.16 -1.77 -2.87
CA PHE C 153 -15.95 -0.87 -2.04
C PHE C 153 -15.72 -1.04 -0.50
N SER C 154 -15.35 -2.23 -0.06
CA SER C 154 -15.08 -2.44 1.36
C SER C 154 -13.76 -1.73 1.73
N LYS C 155 -12.87 -1.59 0.76
CA LYS C 155 -11.69 -0.76 0.94
C LYS C 155 -12.01 0.73 1.02
N MET C 156 -12.73 1.24 0.06
CA MET C 156 -13.04 2.63 0.03
C MET C 156 -13.84 3.06 1.22
N LEU C 157 -14.61 2.17 1.79
CA LEU C 157 -15.43 2.56 2.92
C LEU C 157 -14.62 2.81 4.15
N LEU C 158 -13.50 2.12 4.29
CA LEU C 158 -12.61 2.33 5.40
C LEU C 158 -11.79 3.56 5.14
N MET C 159 -11.58 3.88 3.90
CA MET C 159 -10.85 5.06 3.56
C MET C 159 -11.63 6.28 3.94
N TYR C 160 -12.93 6.25 3.75
CA TYR C 160 -13.75 7.38 4.08
C TYR C 160 -13.75 7.63 5.56
N ASP C 161 -13.77 6.58 6.35
CA ASP C 161 -13.75 6.74 7.78
C ASP C 161 -12.43 7.27 8.27
N CYS C 162 -11.35 6.90 7.63
CA CYS C 162 -10.07 7.38 8.04
C CYS C 162 -10.10 8.86 7.82
N LEU C 163 -10.69 9.27 6.73
CA LEU C 163 -10.76 10.68 6.37
C LEU C 163 -11.55 11.49 7.38
N ASN C 164 -12.73 11.06 7.83
CA ASN C 164 -13.38 11.94 8.78
C ASN C 164 -12.99 11.80 10.24
N LYS C 165 -12.33 10.70 10.59
CA LYS C 165 -11.74 10.51 11.93
C LYS C 165 -10.28 11.03 12.07
N GLY C 166 -9.76 11.76 11.07
CA GLY C 166 -8.42 12.35 11.09
C GLY C 166 -7.34 11.34 11.40
N ASN C 167 -7.36 10.24 10.65
CA ASN C 167 -6.39 9.19 10.77
C ASN C 167 -5.93 8.85 9.36
N PHE C 168 -4.93 9.55 8.87
CA PHE C 168 -4.60 9.50 7.45
C PHE C 168 -3.55 8.45 7.06
N ALA C 169 -2.79 7.91 8.02
CA ALA C 169 -1.76 6.86 7.72
C ALA C 169 -2.34 5.67 6.91
N PRO C 170 -3.43 5.01 7.37
CA PRO C 170 -3.94 3.84 6.63
C PRO C 170 -4.43 4.05 5.19
N MET C 171 -4.58 5.29 4.75
CA MET C 171 -5.25 5.56 3.49
C MET C 171 -4.46 5.23 2.23
N MET C 172 -3.16 5.54 2.17
CA MET C 172 -2.34 5.16 1.03
C MET C 172 -2.24 3.64 0.94
N LEU C 173 -2.18 3.03 2.12
CA LEU C 173 -2.14 1.59 2.27
C LEU C 173 -3.42 0.98 1.73
N LEU C 174 -4.57 1.48 2.14
CA LEU C 174 -5.82 1.04 1.55
C LEU C 174 -5.95 1.28 0.06
N PHE C 175 -5.45 2.40 -0.45
CA PHE C 175 -5.56 2.75 -1.86
C PHE C 175 -4.85 1.70 -2.73
N GLN C 176 -3.68 1.30 -2.28
CA GLN C 176 -2.82 0.39 -2.97
C GLN C 176 -3.40 -1.01 -3.11
N GLN C 177 -4.33 -1.37 -2.24
CA GLN C 177 -5.05 -2.63 -2.32
C GLN C 177 -6.18 -2.69 -3.37
N ILE C 178 -6.50 -1.57 -4.01
CA ILE C 178 -7.57 -1.45 -4.99
C ILE C 178 -7.02 -1.57 -6.40
N ASP C 179 -7.59 -2.48 -7.20
CA ASP C 179 -7.33 -2.57 -8.64
C ASP C 179 -8.63 -2.54 -9.49
N LEU C 180 -8.90 -1.40 -10.14
CA LEU C 180 -10.20 -1.19 -10.83
C LEU C 180 -10.48 -2.06 -12.07
N SER C 181 -9.43 -2.55 -12.72
CA SER C 181 -9.59 -3.32 -13.94
C SER C 181 -10.10 -4.74 -13.65
N GLU C 182 -10.14 -5.10 -12.37
CA GLU C 182 -10.80 -6.34 -11.91
C GLU C 182 -12.34 -6.31 -12.01
N ILE C 183 -12.93 -5.12 -12.01
CA ILE C 183 -14.38 -4.95 -12.13
C ILE C 183 -14.70 -5.14 -13.60
N LYS C 184 -15.46 -6.21 -13.87
CA LYS C 184 -15.71 -6.64 -15.24
C LYS C 184 -17.12 -6.46 -15.78
N GLU C 185 -18.14 -6.89 -15.02
CA GLU C 185 -19.53 -6.79 -15.48
C GLU C 185 -19.99 -5.34 -15.67
N ASN C 186 -19.83 -4.53 -14.63
CA ASN C 186 -20.54 -3.25 -14.53
C ASN C 186 -19.70 -2.04 -14.89
N ARG C 187 -19.93 -1.51 -16.09
CA ARG C 187 -19.15 -0.37 -16.61
C ARG C 187 -19.45 0.89 -15.82
N TYR C 188 -20.71 1.07 -15.42
CA TYR C 188 -21.17 2.26 -14.72
C TYR C 188 -20.51 2.35 -13.35
N LEU C 189 -20.55 1.24 -12.63
CA LEU C 189 -19.96 1.15 -11.32
C LEU C 189 -18.45 1.41 -11.37
N LYS C 190 -17.77 0.86 -12.37
CA LYS C 190 -16.34 1.14 -12.62
C LYS C 190 -16.07 2.65 -12.80
N ASN C 191 -16.91 3.34 -13.57
CA ASN C 191 -16.76 4.80 -13.75
C ASN C 191 -16.97 5.60 -12.52
N SER C 192 -18.02 5.26 -11.78
CA SER C 192 -18.37 5.90 -10.54
C SER C 192 -17.20 5.75 -9.54
N PHE C 193 -16.67 4.53 -9.41
CA PHE C 193 -15.54 4.27 -8.57
C PHE C 193 -14.27 5.01 -9.03
N GLU C 194 -14.05 5.09 -10.33
CA GLU C 194 -12.92 5.86 -10.87
C GLU C 194 -12.93 7.33 -10.36
N THR C 195 -14.11 7.95 -10.37
CA THR C 195 -14.29 9.27 -9.80
C THR C 195 -14.09 9.29 -8.28
N ARG C 196 -14.72 8.37 -7.55
CA ARG C 196 -14.49 8.26 -6.08
C ARG C 196 -12.97 8.22 -5.81
N ILE C 197 -12.25 7.39 -6.56
CA ILE C 197 -10.82 7.22 -6.37
C ILE C 197 -10.09 8.56 -6.57
N ASN C 198 -10.45 9.30 -7.62
CA ASN C 198 -9.77 10.55 -7.90
C ASN C 198 -9.92 11.56 -6.77
N VAL C 199 -11.10 11.65 -6.17
CA VAL C 199 -11.22 12.59 -5.10
C VAL C 199 -10.60 12.10 -3.81
N LEU C 200 -10.71 10.81 -3.56
CA LEU C 200 -9.92 10.19 -2.51
C LEU C 200 -8.41 10.44 -2.69
N LEU C 201 -7.91 10.22 -3.89
CA LEU C 201 -6.50 10.37 -4.13
C LEU C 201 -6.06 11.80 -3.88
N SER C 202 -6.90 12.72 -4.32
CA SER C 202 -6.71 14.13 -4.10
C SER C 202 -6.52 14.44 -2.63
N ASN C 203 -7.43 13.95 -1.78
CA ASN C 203 -7.21 14.06 -0.33
C ASN C 203 -5.94 13.46 0.20
N ILE C 204 -5.56 12.27 -0.29
CA ILE C 204 -4.36 11.58 0.14
C ILE C 204 -3.16 12.48 -0.11
N TYR C 205 -3.09 13.06 -1.31
CA TYR C 205 -1.97 13.92 -1.63
C TYR C 205 -1.96 15.23 -0.86
N LEU C 206 -3.13 15.82 -0.68
CA LEU C 206 -3.28 16.99 0.15
C LEU C 206 -2.71 16.74 1.56
N ASN C 207 -3.01 15.60 2.18
CA ASN C 207 -2.41 15.27 3.46
C ASN C 207 -0.95 14.90 3.43
N GLU C 208 -0.44 14.44 2.29
CA GLU C 208 0.99 14.14 2.14
C GLU C 208 1.77 15.39 1.81
N ASN C 209 1.07 16.53 1.73
CA ASN C 209 1.63 17.83 1.33
C ASN C 209 2.21 17.88 -0.10
N ASN C 210 1.70 17.01 -0.96
CA ASN C 210 2.02 16.96 -2.35
C ASN C 210 0.98 17.80 -3.07
N LEU C 211 1.15 19.12 -3.05
CA LEU C 211 0.06 20.02 -3.42
C LEU C 211 -0.24 20.09 -4.92
N GLU C 212 0.79 19.86 -5.74
CA GLU C 212 0.57 19.84 -7.16
C GLU C 212 -0.27 18.62 -7.63
N LEU C 213 0.06 17.45 -7.11
CA LEU C 213 -0.72 16.23 -7.48
C LEU C 213 -2.13 16.29 -6.96
N CYS C 214 -2.30 16.88 -5.78
CA CYS C 214 -3.59 17.05 -5.19
C CYS C 214 -4.55 17.82 -6.14
N ARG C 215 -4.07 18.91 -6.71
CA ARG C 215 -4.90 19.71 -7.59
C ARG C 215 -5.13 19.00 -8.94
N GLU C 216 -4.13 18.25 -9.36
CA GLU C 216 -4.21 17.44 -10.56
C GLU C 216 -5.39 16.45 -10.47
N TYR C 217 -5.49 15.70 -9.39
CA TYR C 217 -6.54 14.70 -9.28
C TYR C 217 -7.92 15.31 -9.06
N ALA C 218 -7.98 16.43 -8.34
CA ALA C 218 -9.25 17.13 -8.16
C ALA C 218 -9.76 17.64 -9.50
N GLN C 219 -8.91 18.34 -10.25
CA GLN C 219 -9.25 18.76 -11.59
C GLN C 219 -9.70 17.62 -12.49
N LYS C 220 -9.01 16.48 -12.41
CA LYS C 220 -9.34 15.29 -13.19
C LYS C 220 -10.77 14.83 -12.91
N ALA C 221 -11.16 14.87 -11.63
CA ALA C 221 -12.52 14.56 -11.19
C ALA C 221 -13.52 15.56 -11.74
N ILE C 222 -13.24 16.87 -11.60
CA ILE C 222 -14.13 17.92 -12.08
C ILE C 222 -14.42 17.77 -13.58
N SER C 223 -13.39 17.45 -14.35
CA SER C 223 -13.47 17.30 -15.81
C SER C 223 -14.40 16.16 -16.27
N SER C 224 -14.35 15.04 -15.57
CA SER C 224 -14.99 13.81 -15.99
C SER C 224 -16.37 13.54 -15.35
N THR C 225 -16.77 14.31 -14.33
CA THR C 225 -18.03 14.05 -13.65
C THR C 225 -19.01 15.20 -13.87
N ASP C 226 -20.29 14.90 -13.68
CA ASP C 226 -21.26 15.94 -13.45
C ASP C 226 -22.18 15.70 -12.25
N THR C 227 -21.72 14.83 -11.34
CA THR C 227 -22.45 14.58 -10.08
C THR C 227 -22.05 15.62 -8.97
N GLN C 228 -23.04 16.39 -8.50
CA GLN C 228 -22.85 17.43 -7.52
C GLN C 228 -21.88 17.06 -6.39
N ARG C 229 -22.06 15.89 -5.77
CA ARG C 229 -21.16 15.57 -4.66
C ARG C 229 -19.66 15.54 -5.02
N PHE C 230 -19.32 15.11 -6.21
CA PHE C 230 -17.93 15.06 -6.57
C PHE C 230 -17.39 16.42 -6.94
N LEU C 231 -18.25 17.26 -7.48
CA LEU C 231 -17.87 18.62 -7.75
C LEU C 231 -17.54 19.35 -6.45
N VAL C 232 -18.46 19.26 -5.49
CA VAL C 232 -18.32 19.90 -4.19
C VAL C 232 -16.99 19.53 -3.52
N PHE C 233 -16.71 18.24 -3.37
CA PHE C 233 -15.49 17.88 -2.67
C PHE C 233 -14.22 18.16 -3.46
N SER C 234 -14.35 18.18 -4.78
CA SER C 234 -13.23 18.58 -5.60
C SER C 234 -12.82 20.02 -5.30
N TYR C 235 -13.79 20.92 -5.35
CA TYR C 235 -13.51 22.33 -5.06
C TYR C 235 -13.06 22.54 -3.62
N LEU C 236 -13.73 21.86 -2.66
CA LEU C 236 -13.30 21.86 -1.28
C LEU C 236 -11.82 21.60 -1.18
N THR C 237 -11.40 20.51 -1.81
CA THR C 237 -10.03 20.09 -1.76
C THR C 237 -9.09 21.10 -2.39
N ILE C 238 -9.37 21.57 -3.60
CA ILE C 238 -8.48 22.57 -4.21
C ILE C 238 -8.23 23.78 -3.27
N GLY C 239 -9.32 24.31 -2.73
CA GLY C 239 -9.28 25.39 -1.74
C GLY C 239 -8.39 25.08 -0.53
N THR C 240 -8.55 23.90 0.06
CA THR C 240 -7.67 23.52 1.17
C THR C 240 -6.24 23.45 0.71
N SER C 241 -5.98 22.95 -0.49
CA SER C 241 -4.61 22.93 -0.96
C SER C 241 -3.89 24.31 -0.98
N TYR C 242 -4.66 25.39 -0.95
CA TYR C 242 -4.07 26.74 -0.97
C TYR C 242 -4.17 27.47 0.39
N ILE C 243 -4.84 26.86 1.35
CA ILE C 243 -5.00 27.44 2.67
C ILE C 243 -3.71 28.14 3.20
N PHE C 244 -2.54 27.57 2.99
CA PHE C 244 -1.30 28.15 3.53
C PHE C 244 -0.46 28.95 2.56
N SER C 245 -0.62 28.71 1.26
CA SER C 245 0.15 29.40 0.21
C SER C 245 -0.45 30.72 -0.34
N ASP C 246 -1.78 30.77 -0.56
CA ASP C 246 -2.42 31.83 -1.37
C ASP C 246 -3.87 32.09 -0.95
N PHE C 247 -4.10 33.17 -0.21
CA PHE C 247 -5.42 33.47 0.33
C PHE C 247 -6.54 33.56 -0.73
N ASN C 248 -6.27 34.35 -1.76
CA ASN C 248 -7.26 34.57 -2.83
C ASN C 248 -7.69 33.33 -3.60
N LEU C 249 -6.72 32.49 -3.98
CA LEU C 249 -7.02 31.24 -4.67
C LEU C 249 -7.83 30.30 -3.80
N SER C 250 -7.47 30.26 -2.51
CA SER C 250 -8.17 29.47 -1.54
C SER C 250 -9.62 29.96 -1.38
N LYS C 251 -9.84 31.28 -1.23
CA LYS C 251 -11.19 31.85 -1.05
C LYS C 251 -12.04 31.57 -2.26
N GLN C 252 -11.44 31.66 -3.43
CA GLN C 252 -12.17 31.62 -4.67
C GLN C 252 -12.71 30.23 -4.92
N ASN C 253 -11.91 29.19 -4.66
CA ASN C 253 -12.36 27.83 -4.83
C ASN C 253 -13.42 27.46 -3.79
N TYR C 254 -13.26 27.91 -2.55
CA TYR C 254 -14.29 27.71 -1.54
C TYR C 254 -15.60 28.37 -1.96
N LEU C 255 -15.55 29.61 -2.46
CA LEU C 255 -16.78 30.21 -2.99
C LEU C 255 -17.36 29.46 -4.20
N ILE C 256 -16.51 28.96 -5.11
CA ILE C 256 -17.02 28.20 -6.26
C ILE C 256 -17.75 26.98 -5.72
N GLY C 257 -17.07 26.22 -4.85
CA GLY C 257 -17.65 25.02 -4.24
C GLY C 257 -18.95 25.29 -3.50
N LEU C 258 -19.00 26.41 -2.78
CA LEU C 258 -20.19 26.81 -2.03
C LEU C 258 -21.42 27.03 -2.91
N LYS C 259 -21.22 27.64 -4.07
CA LYS C 259 -22.26 27.82 -5.06
C LYS C 259 -22.77 26.48 -5.61
N PHE C 260 -21.87 25.53 -5.85
CA PHE C 260 -22.27 24.16 -6.25
C PHE C 260 -23.00 23.40 -5.15
N ALA C 261 -22.82 23.83 -3.92
CA ALA C 261 -23.52 23.18 -2.83
C ALA C 261 -24.87 23.81 -2.45
N LYS C 262 -25.33 24.87 -3.14
CA LYS C 262 -26.67 25.44 -2.89
C LYS C 262 -27.76 24.41 -2.59
N GLY C 263 -28.50 24.66 -1.51
CA GLY C 263 -29.65 23.83 -1.07
C GLY C 263 -29.32 22.44 -0.58
N ASN C 264 -28.16 22.29 0.05
CA ASN C 264 -27.76 21.04 0.69
C ASN C 264 -26.91 21.47 1.87
N PRO C 265 -27.54 21.63 3.05
CA PRO C 265 -26.90 22.25 4.23
C PRO C 265 -25.62 21.52 4.68
N GLY C 266 -25.60 20.20 4.54
CA GLY C 266 -24.44 19.35 4.84
C GLY C 266 -23.16 19.71 4.08
N PHE C 267 -23.29 19.83 2.76
CA PHE C 267 -22.20 20.30 1.90
C PHE C 267 -21.80 21.75 2.19
N GLU C 268 -22.76 22.66 2.33
CA GLU C 268 -22.47 24.04 2.71
C GLU C 268 -21.58 24.14 3.98
N GLU C 269 -21.90 23.34 5.00
CA GLU C 269 -21.15 23.32 6.25
C GLU C 269 -19.64 23.12 6.06
N PHE C 270 -19.23 22.25 5.13
CA PHE C 270 -17.80 22.00 4.92
C PHE C 270 -17.10 23.28 4.50
N PHE C 271 -17.73 24.05 3.60
CA PHE C 271 -17.13 25.28 3.12
C PHE C 271 -17.10 26.38 4.17
N LYS C 272 -18.20 26.52 4.91
CA LYS C 272 -18.27 27.53 5.94
C LYS C 272 -17.17 27.32 6.97
N ARG C 273 -16.90 26.05 7.26
CA ARG C 273 -15.87 25.68 8.23
C ARG C 273 -14.48 26.06 7.77
N ASN C 274 -14.14 25.74 6.53
CA ASN C 274 -12.82 26.07 6.01
C ASN C 274 -12.64 27.53 5.68
N LEU C 275 -13.71 28.20 5.23
CA LEU C 275 -13.68 29.65 5.17
C LEU C 275 -13.43 30.26 6.56
N SER C 276 -14.07 29.71 7.59
CA SER C 276 -13.79 30.15 8.96
C SER C 276 -12.31 30.01 9.24
N PHE C 277 -11.74 28.88 8.88
CA PHE C 277 -10.36 28.64 9.25
C PHE C 277 -9.41 29.56 8.48
N LEU C 278 -9.55 29.58 7.16
CA LEU C 278 -8.86 30.50 6.27
C LEU C 278 -8.80 31.94 6.79
N ASN C 279 -9.95 32.52 7.12
CA ASN C 279 -9.97 33.90 7.66
C ASN C 279 -9.30 34.05 9.04
N ASN C 280 -9.52 33.08 9.94
CA ASN C 280 -8.78 33.06 11.19
C ASN C 280 -7.28 32.99 10.95
N PHE C 281 -6.85 32.12 10.04
CA PHE C 281 -5.41 31.92 9.82
C PHE C 281 -4.70 33.14 9.23
N TRP C 282 -5.40 33.90 8.40
CA TRP C 282 -4.83 35.03 7.68
C TRP C 282 -5.16 36.33 8.40
N ASN C 283 -5.96 36.20 9.45
CA ASN C 283 -6.20 37.25 10.42
C ASN C 283 -7.00 38.41 9.77
N LYS C 284 -8.00 38.01 8.98
CA LYS C 284 -8.97 38.90 8.35
C LYS C 284 -10.24 38.80 9.18
N GLU C 285 -11.15 39.76 9.02
CA GLU C 285 -12.45 39.68 9.69
C GLU C 285 -13.31 38.52 9.14
N ASN C 286 -14.03 37.87 10.03
CA ASN C 286 -14.57 36.56 9.77
C ASN C 286 -16.08 36.44 9.79
N GLU C 287 -16.67 36.50 8.60
CA GLU C 287 -18.10 36.43 8.44
C GLU C 287 -18.70 35.00 8.59
N TRP C 288 -17.88 33.97 8.82
CA TRP C 288 -18.30 32.56 8.62
C TRP C 288 -18.49 31.62 9.82
N ILE C 289 -18.10 32.07 11.00
CA ILE C 289 -18.08 31.27 12.22
C ILE C 289 -19.47 30.84 12.61
N ASN C 290 -19.64 29.57 12.93
CA ASN C 290 -20.89 29.08 13.50
C ASN C 290 -20.83 29.13 15.02
N TYR C 291 -21.49 30.12 15.61
CA TYR C 291 -21.37 30.39 17.06
C TYR C 291 -22.18 29.48 17.97
N ASP C 292 -23.17 28.78 17.39
CA ASP C 292 -24.14 27.90 18.08
C ASP C 292 -23.80 26.41 18.15
N SER C 293 -22.95 25.97 17.24
CA SER C 293 -22.54 24.57 17.15
C SER C 293 -21.67 24.15 18.35
N ASP C 294 -21.92 22.96 18.85
CA ASP C 294 -21.04 22.38 19.86
C ASP C 294 -20.18 21.23 19.24
N ALA C 295 -20.07 21.21 17.91
CA ALA C 295 -19.07 20.40 17.23
C ALA C 295 -17.67 20.95 17.54
N VAL C 296 -16.73 20.04 17.79
CA VAL C 296 -15.39 20.42 18.26
C VAL C 296 -14.66 21.33 17.27
N THR C 297 -14.73 21.01 15.98
CA THR C 297 -14.13 21.95 15.00
C THR C 297 -14.77 23.35 15.03
N ASP C 298 -16.03 23.47 15.41
CA ASP C 298 -16.66 24.75 15.37
C ASP C 298 -16.28 25.60 16.58
N MET C 299 -16.18 24.98 17.77
CA MET C 299 -15.73 25.69 18.96
C MET C 299 -14.28 26.16 18.81
N GLN C 300 -13.47 25.36 18.14
CA GLN C 300 -12.09 25.71 17.82
C GLN C 300 -11.96 26.95 16.98
N GLU C 301 -12.89 27.16 16.05
CA GLU C 301 -12.92 28.41 15.27
C GLU C 301 -13.20 29.63 16.11
N VAL C 302 -14.16 29.50 17.04
CA VAL C 302 -14.45 30.62 17.93
C VAL C 302 -13.28 30.99 18.79
N ILE C 303 -12.55 29.97 19.25
CA ILE C 303 -11.32 30.20 20.03
C ILE C 303 -10.25 30.90 19.21
N PHE C 304 -10.02 30.41 17.99
CA PHE C 304 -9.00 30.96 17.11
C PHE C 304 -9.32 32.45 16.85
N GLU C 305 -10.59 32.76 16.62
CA GLU C 305 -10.99 34.16 16.48
C GLU C 305 -10.72 35.02 17.72
N LEU C 306 -11.09 34.52 18.91
CA LEU C 306 -10.81 35.17 20.19
C LEU C 306 -9.35 35.48 20.37
N ILE C 307 -8.48 34.54 19.97
CA ILE C 307 -7.02 34.75 19.97
C ILE C 307 -6.61 35.95 19.12
N ASN C 308 -7.17 36.07 17.90
CA ASN C 308 -6.90 37.22 17.01
C ASN C 308 -7.39 38.56 17.55
N HIS C 309 -8.50 38.55 18.29
CA HIS C 309 -9.02 39.74 18.96
C HIS C 309 -8.33 40.01 20.31
N LYS C 310 -7.21 39.31 20.56
CA LYS C 310 -6.42 39.43 21.81
C LYS C 310 -7.25 39.28 23.11
N GLU C 311 -8.30 38.45 23.07
CA GLU C 311 -9.05 38.13 24.32
C GLU C 311 -8.52 36.79 24.91
N LEU C 312 -7.24 36.82 25.29
CA LEU C 312 -6.44 35.64 25.59
C LEU C 312 -6.89 34.88 26.81
N SER C 313 -7.42 35.61 27.79
CA SER C 313 -7.93 34.98 29.00
C SER C 313 -9.24 34.18 28.75
N LYS C 314 -10.20 34.78 28.04
CA LYS C 314 -11.46 34.11 27.69
C LYS C 314 -11.23 32.92 26.78
N ALA C 315 -10.29 33.06 25.85
CA ALA C 315 -9.88 31.96 24.96
C ALA C 315 -9.34 30.76 25.73
N LEU C 316 -8.53 31.00 26.78
CA LEU C 316 -7.91 29.91 27.50
C LEU C 316 -8.93 29.13 28.27
N GLN C 317 -9.97 29.80 28.77
CA GLN C 317 -10.97 29.11 29.58
C GLN C 317 -11.86 28.23 28.72
N LEU C 318 -12.19 28.72 27.54
CA LEU C 318 -12.99 27.98 26.57
C LEU C 318 -12.25 26.75 26.04
N LEU C 319 -10.93 26.86 25.97
CA LEU C 319 -10.09 25.78 25.48
C LEU C 319 -9.92 24.66 26.47
N ASN C 320 -9.81 24.99 27.76
CA ASN C 320 -9.75 23.99 28.81
C ASN C 320 -11.03 23.18 28.91
N LYS C 321 -12.16 23.84 28.65
CA LYS C 321 -13.48 23.22 28.65
C LYS C 321 -13.56 22.14 27.56
N LEU C 322 -12.88 22.35 26.44
CA LEU C 322 -12.80 21.37 25.37
C LEU C 322 -11.89 20.17 25.61
N GLU C 323 -10.91 20.28 26.51
CA GLU C 323 -10.07 19.11 26.86
C GLU C 323 -10.90 17.98 27.51
N GLU C 324 -12.01 18.35 28.16
CA GLU C 324 -13.08 17.43 28.62
C GLU C 324 -13.68 16.49 27.53
N ARG C 325 -13.67 16.92 26.26
CA ARG C 325 -14.44 16.26 25.19
C ARG C 325 -13.60 15.38 24.27
N ASP C 326 -14.18 14.29 23.78
CA ASP C 326 -13.44 13.38 22.89
C ASP C 326 -13.19 14.09 21.58
N GLN C 327 -11.93 14.04 21.17
CA GLN C 327 -11.45 14.66 19.96
C GLN C 327 -10.61 13.57 19.28
N ASN C 328 -10.56 13.55 17.96
CA ASN C 328 -9.56 12.68 17.29
C ASN C 328 -8.12 13.26 17.29
N GLU C 329 -7.15 12.47 16.85
CA GLU C 329 -5.76 12.90 16.88
C GLU C 329 -5.51 14.22 16.13
N ASN C 330 -6.15 14.37 14.98
CA ASN C 330 -6.02 15.57 14.17
C ASN C 330 -6.59 16.81 14.86
N GLU C 331 -7.71 16.64 15.56
CA GLU C 331 -8.34 17.72 16.33
C GLU C 331 -7.48 18.16 17.50
N LEU C 332 -6.82 17.20 18.14
CA LEU C 332 -5.85 17.45 19.21
C LEU C 332 -4.63 18.21 18.73
N GLY C 333 -4.27 17.95 17.47
CA GLY C 333 -3.27 18.72 16.75
C GLY C 333 -3.56 20.19 16.81
N PHE C 334 -4.74 20.61 16.32
CA PHE C 334 -5.14 22.01 16.39
C PHE C 334 -5.29 22.47 17.81
N HIS C 335 -5.87 21.64 18.66
CA HIS C 335 -6.09 22.01 20.04
C HIS C 335 -4.79 22.56 20.67
N TYR C 336 -3.70 21.79 20.52
CA TYR C 336 -2.47 22.12 21.20
C TYR C 336 -1.73 23.27 20.55
N TYR C 337 -1.94 23.44 19.26
CA TYR C 337 -1.51 24.63 18.55
C TYR C 337 -2.13 25.89 19.19
N LEU C 338 -3.45 25.89 19.35
CA LEU C 338 -4.13 27.02 19.98
C LEU C 338 -3.61 27.23 21.42
N LYS C 339 -3.41 26.13 22.17
CA LYS C 339 -2.91 26.28 23.52
C LYS C 339 -1.58 27.02 23.51
N GLY C 340 -0.76 26.71 22.51
CA GLY C 340 0.52 27.37 22.29
C GLY C 340 0.46 28.84 21.96
N LEU C 341 -0.44 29.23 21.07
CA LEU C 341 -0.58 30.63 20.74
C LEU C 341 -0.98 31.43 21.94
N ILE C 342 -1.84 30.85 22.79
CA ILE C 342 -2.28 31.52 24.03
C ILE C 342 -1.14 31.59 25.07
N THR C 343 -0.51 30.44 25.34
CA THR C 343 0.43 30.32 26.46
C THR C 343 1.90 30.65 26.15
N ASN C 344 2.30 30.64 24.88
CA ASN C 344 3.69 30.83 24.42
C ASN C 344 4.68 29.87 25.02
N GLU C 345 4.23 28.66 25.36
CA GLU C 345 5.14 27.66 25.85
C GLU C 345 5.42 26.60 24.76
N LYS C 346 6.63 26.07 24.79
CA LYS C 346 7.08 25.12 23.75
C LYS C 346 6.37 23.82 23.85
N GLU C 347 6.11 23.38 25.08
CA GLU C 347 5.39 22.14 25.38
C GLU C 347 4.09 21.96 24.58
N ALA C 348 3.24 22.99 24.54
CA ALA C 348 2.00 22.91 23.78
C ALA C 348 2.30 22.67 22.31
N PHE C 349 3.33 23.34 21.79
CA PHE C 349 3.69 23.10 20.40
C PHE C 349 4.26 21.72 20.11
N PHE C 350 5.02 21.13 21.05
CA PHE C 350 5.57 19.81 20.82
C PHE C 350 4.42 18.80 20.70
N LYS C 351 3.43 18.94 21.60
CA LYS C 351 2.26 18.08 21.62
C LYS C 351 1.57 18.19 20.28
N SER C 352 1.40 19.42 19.81
CA SER C 352 0.77 19.65 18.53
C SER C 352 1.49 18.89 17.39
N VAL C 353 2.82 18.93 17.39
CA VAL C 353 3.61 18.19 16.41
C VAL C 353 3.44 16.67 16.54
N GLU C 354 3.45 16.16 17.78
CA GLU C 354 3.25 14.72 18.02
C GLU C 354 1.88 14.23 17.44
N TYR C 355 0.85 15.04 17.62
CA TYR C 355 -0.48 14.64 17.22
C TYR C 355 -0.61 14.69 15.72
N PHE C 356 -0.14 15.78 15.11
CA PHE C 356 -0.12 15.81 13.66
C PHE C 356 0.77 14.73 13.05
N LYS C 357 1.85 14.33 13.73
CA LYS C 357 2.61 13.15 13.26
C LYS C 357 1.84 11.86 13.37
N ALA C 358 1.17 11.64 14.50
CA ALA C 358 0.37 10.45 14.74
C ALA C 358 -0.70 10.28 13.67
N SER C 359 -1.43 11.35 13.41
CA SER C 359 -2.46 11.35 12.42
C SER C 359 -1.91 11.54 11.00
N GLN C 360 -0.60 11.77 10.91
CA GLN C 360 0.12 11.90 9.65
C GLN C 360 -0.44 12.97 8.71
N ASP C 361 -0.63 14.16 9.26
CA ASP C 361 -1.17 15.30 8.53
C ASP C 361 0.04 16.18 8.19
N LYS C 362 0.65 15.91 7.03
CA LYS C 362 1.89 16.59 6.66
C LYS C 362 1.61 18.03 6.26
N LEU C 363 0.32 18.38 6.09
CA LEU C 363 -0.14 19.70 5.69
C LEU C 363 -0.18 20.67 6.86
N SER C 364 -0.91 20.30 7.93
CA SER C 364 -1.11 21.14 9.09
C SER C 364 0.13 21.25 9.99
N ILE C 365 0.96 20.23 9.97
CA ILE C 365 2.09 20.21 10.81
C ILE C 365 2.97 21.40 10.59
N LYS C 366 2.70 22.15 9.55
CA LYS C 366 3.53 23.30 9.29
C LYS C 366 3.31 24.38 10.32
N MET C 367 2.07 24.53 10.76
CA MET C 367 1.72 25.54 11.72
C MET C 367 2.57 25.54 12.95
N PRO C 368 2.54 24.46 13.72
CA PRO C 368 3.35 24.40 14.91
C PRO C 368 4.83 24.38 14.65
N LEU C 369 5.29 23.89 13.52
CA LEU C 369 6.70 23.87 13.24
C LEU C 369 7.22 25.28 13.08
N ILE C 370 6.43 26.11 12.44
CA ILE C 370 6.83 27.48 12.22
C ILE C 370 6.97 28.21 13.53
N GLN C 371 6.05 27.97 14.43
CA GLN C 371 6.10 28.60 15.72
C GLN C 371 7.33 28.18 16.50
N LEU C 372 7.72 26.92 16.42
CA LEU C 372 8.90 26.49 17.14
C LEU C 372 10.09 27.19 16.55
N GLU C 373 10.20 27.22 15.23
CA GLU C 373 11.26 28.03 14.61
C GLU C 373 11.36 29.46 15.14
N LYS C 374 10.22 30.14 15.33
CA LYS C 374 10.15 31.47 15.99
C LYS C 374 10.69 31.49 17.44
N MET C 375 10.59 30.38 18.17
CA MET C 375 11.05 30.28 19.56
C MET C 375 12.45 29.67 19.70
N GLY C 376 13.20 29.63 18.61
CA GLY C 376 14.64 29.32 18.67
C GLY C 376 15.05 27.87 18.58
N GLU C 377 14.11 26.98 18.27
CA GLU C 377 14.43 25.58 17.98
C GLU C 377 15.28 25.39 16.72
N ASN C 378 16.08 24.32 16.68
CA ASN C 378 17.02 24.10 15.59
C ASN C 378 16.34 23.93 14.19
N PRO C 379 16.55 24.90 13.27
CA PRO C 379 15.81 24.84 11.99
C PRO C 379 16.07 23.54 11.20
N ARG C 380 17.26 22.97 11.35
CA ARG C 380 17.61 21.71 10.67
C ARG C 380 16.77 20.52 11.18
N LEU C 381 16.66 20.41 12.51
CA LEU C 381 15.78 19.43 13.10
C LEU C 381 14.33 19.58 12.65
N LEU C 382 13.82 20.80 12.60
CA LEU C 382 12.46 21.01 12.14
C LEU C 382 12.26 20.65 10.67
N LYS C 383 13.28 20.86 9.84
CA LYS C 383 13.20 20.41 8.43
C LYS C 383 13.08 18.88 8.34
N ILE C 384 13.91 18.17 9.10
CA ILE C 384 13.86 16.69 9.19
C ILE C 384 12.52 16.12 9.70
N ILE C 385 11.83 16.85 10.58
CA ILE C 385 10.50 16.41 11.02
C ILE C 385 9.49 16.31 9.87
N THR C 386 9.54 17.25 8.91
CA THR C 386 8.64 17.26 7.72
C THR C 386 9.00 16.28 6.58
N MET C 387 10.26 15.81 6.54
CA MET C 387 10.66 14.69 5.63
C MET C 387 10.70 13.38 6.44
N GLY D 1 -9.09 23.59 12.89
CA GLY D 1 -10.33 22.86 12.50
C GLY D 1 -10.54 22.92 11.01
N ILE D 2 -9.59 22.36 10.26
CA ILE D 2 -9.73 22.12 8.82
C ILE D 2 -10.52 20.83 8.64
N VAL D 3 -11.56 20.86 7.81
CA VAL D 3 -12.32 19.65 7.51
C VAL D 3 -12.06 19.15 6.09
N ARG D 4 -12.06 17.84 5.95
CA ARG D 4 -11.79 17.17 4.69
C ARG D 4 -12.98 16.31 4.31
N GLY D 5 -13.20 16.17 3.01
CA GLY D 5 -14.28 15.32 2.55
C GLY D 5 -14.00 14.81 1.15
N ALA D 6 -14.52 13.62 0.89
CA ALA D 6 -14.36 12.97 -0.40
C ALA D 6 -15.64 12.24 -0.80
#